data_6LGX
#
_entry.id   6LGX
#
_cell.length_a   192.440
_cell.length_b   138.447
_cell.length_c   61.442
_cell.angle_alpha   90.000
_cell.angle_beta   100.020
_cell.angle_gamma   90.000
#
_symmetry.space_group_name_H-M   'C 1 2 1'
#
_entity_poly.entity_id   1
_entity_poly.type   'polypeptide(L)'
_entity_poly.pdbx_seq_one_letter_code
;ADEFKFPIYTIPDELGPWSPIDIHHLSCPNNLVVEDEGCTNLSEFSYMELKVGYISAIKVNGFTCTGVVTEAETYTGGSG
GTTFKRKHFRPTPDACRAAYNWKMAGDPRYEESLHNPYGGSGGRTTKESLIIISPSVTDLDPYDKSLHSRVFPGGKCSGI
TVSSTYCSTNHDYTIWMPENPRPRTPCDIFTNSRGKRASNGNKTCGFVDERGLYKSLKGACRLKLCGVLGLRLMDGTWVA
MQTSDETKWCPPDQLVNLHDFRSDEIEHLVVEELVKKREECLDALESIMTTKSVSFRRLSHLRKLVPGFGKAYTIFNKTL
MEADAHYKSVRTWNEIIPSKGCLKVGGRCHPHVNGVFFNGIILGPDDHVLIPEMQSSLLQQHMELLKSSVIPLMHPLADP
STVFKEGDEAEDFVEVHLPDVYKQISGVDLGLPNWGKHHHHHH
;
_entity_poly.pdbx_strand_id   A,B
#
# COMPACT_ATOMS: atom_id res chain seq x y z
N LYS A 5 14.35 29.57 -9.35
CA LYS A 5 14.42 29.55 -7.89
C LYS A 5 13.52 28.47 -7.31
N PHE A 6 12.89 27.69 -8.18
CA PHE A 6 11.96 26.66 -7.73
C PHE A 6 12.51 25.27 -8.02
N PRO A 7 12.33 24.33 -7.10
CA PRO A 7 12.69 22.94 -7.39
C PRO A 7 11.78 22.38 -8.48
N ILE A 8 12.36 21.50 -9.30
CA ILE A 8 11.65 21.03 -10.50
C ILE A 8 10.32 20.40 -10.13
N TYR A 9 10.22 19.78 -8.95
CA TYR A 9 8.97 19.19 -8.50
C TYR A 9 9.01 19.10 -6.98
N THR A 10 7.88 18.70 -6.39
CA THR A 10 7.78 18.53 -4.94
C THR A 10 6.90 17.31 -4.67
N ILE A 11 7.39 16.43 -3.81
CA ILE A 11 6.76 15.15 -3.52
C ILE A 11 6.54 15.05 -2.01
N PRO A 12 5.43 14.49 -1.54
CA PRO A 12 5.24 14.34 -0.09
C PRO A 12 6.30 13.43 0.51
N ASP A 13 6.71 13.77 1.73
CA ASP A 13 7.54 12.83 2.50
C ASP A 13 6.68 11.75 3.12
N GLU A 14 5.42 12.05 3.42
CA GLU A 14 4.45 11.06 3.86
C GLU A 14 3.05 11.67 3.73
N LEU A 15 2.14 10.93 3.13
CA LEU A 15 0.78 11.40 2.96
C LEU A 15 -0.07 11.06 4.18
N GLY A 16 -1.06 11.91 4.43
CA GLY A 16 -2.11 11.57 5.36
C GLY A 16 -3.23 10.82 4.67
N PRO A 17 -4.21 10.42 5.47
CA PRO A 17 -5.40 9.76 4.89
C PRO A 17 -6.14 10.70 3.95
N TRP A 18 -6.94 10.10 3.08
CA TRP A 18 -7.72 10.83 2.08
C TRP A 18 -9.09 11.19 2.64
N SER A 19 -9.47 12.46 2.47
CA SER A 19 -10.73 13.00 2.92
C SER A 19 -11.54 13.48 1.72
N PRO A 20 -12.82 13.11 1.63
CA PRO A 20 -13.65 13.59 0.51
C PRO A 20 -13.93 15.08 0.67
N ILE A 21 -13.79 15.81 -0.43
CA ILE A 21 -14.07 17.24 -0.49
C ILE A 21 -14.85 17.52 -1.76
N ASP A 22 -15.35 18.75 -1.86
CA ASP A 22 -15.89 19.29 -3.10
C ASP A 22 -14.98 20.39 -3.61
N ILE A 23 -15.30 20.91 -4.79
CA ILE A 23 -14.45 21.90 -5.45
C ILE A 23 -14.23 23.15 -4.61
N HIS A 24 -15.08 23.40 -3.61
CA HIS A 24 -14.93 24.59 -2.78
C HIS A 24 -13.94 24.40 -1.63
N HIS A 25 -13.51 23.17 -1.35
CA HIS A 25 -12.41 22.96 -0.42
C HIS A 25 -11.06 23.20 -1.07
N LEU A 26 -11.03 23.46 -2.37
CA LEU A 26 -9.79 23.60 -3.11
C LEU A 26 -9.20 24.99 -2.87
N SER A 27 -7.95 25.03 -2.40
CA SER A 27 -7.25 26.28 -2.14
C SER A 27 -5.86 26.22 -2.75
N CYS A 28 -5.41 27.36 -3.28
CA CYS A 28 -4.08 27.44 -3.86
C CYS A 28 -3.02 27.21 -2.78
N PRO A 29 -1.83 26.75 -3.16
CA PRO A 29 -0.78 26.52 -2.17
C PRO A 29 -0.24 27.84 -1.62
N ASN A 30 0.60 27.68 -0.62
CA ASN A 30 1.22 28.82 -0.05
C ASN A 30 2.66 28.50 -0.21
N ASN A 31 3.26 29.04 -1.24
CA ASN A 31 4.64 28.76 -1.49
C ASN A 31 5.38 29.72 -0.62
N LEU A 32 5.59 29.36 0.62
CA LEU A 32 6.29 30.25 1.50
C LEU A 32 7.67 29.82 1.83
N VAL A 33 8.60 30.72 1.61
CA VAL A 33 9.99 30.48 1.96
C VAL A 33 10.26 31.21 3.26
N VAL A 34 11.28 30.74 3.98
CA VAL A 34 11.70 31.37 5.24
C VAL A 34 13.21 31.44 5.25
N GLU A 35 13.75 32.60 5.60
CA GLU A 35 15.19 32.80 5.66
C GLU A 35 15.71 32.73 7.09
N ASP A 36 15.21 33.62 7.96
CA ASP A 36 15.73 33.80 9.31
C ASP A 36 17.26 33.89 9.27
N GLU A 37 17.73 35.06 8.83
CA GLU A 37 19.11 35.28 8.46
C GLU A 37 20.11 34.74 9.48
N GLY A 38 19.88 35.03 10.76
CA GLY A 38 20.72 34.49 11.80
C GLY A 38 20.44 33.02 12.07
N CYS A 39 20.36 32.65 13.35
CA CYS A 39 20.04 31.29 13.79
C CYS A 39 20.99 30.28 13.15
N THR A 40 22.27 30.42 13.49
CA THR A 40 23.33 29.63 12.87
C THR A 40 23.66 28.37 13.65
N ASN A 41 23.65 28.44 14.99
CA ASN A 41 23.99 27.31 15.83
C ASN A 41 22.72 26.55 16.20
N LEU A 42 22.69 25.26 15.85
CA LEU A 42 21.51 24.42 16.04
C LEU A 42 21.78 23.44 17.18
N SER A 43 20.82 23.33 18.10
CA SER A 43 20.90 22.41 19.23
C SER A 43 20.07 21.18 18.93
N GLU A 44 20.73 20.03 18.79
CA GLU A 44 20.03 18.78 18.59
C GLU A 44 19.04 18.53 19.71
N PHE A 45 17.80 18.24 19.34
CA PHE A 45 16.74 18.10 20.36
C PHE A 45 15.58 17.32 19.76
N SER A 46 14.50 17.20 20.54
CA SER A 46 13.28 16.55 20.13
C SER A 46 12.09 17.46 20.40
N TYR A 47 11.10 17.39 19.53
CA TYR A 47 9.89 18.20 19.63
C TYR A 47 8.68 17.32 19.36
N MET A 48 7.50 17.87 19.62
CA MET A 48 6.24 17.19 19.38
C MET A 48 5.42 18.01 18.40
N GLU A 49 4.91 17.34 17.36
CA GLU A 49 4.10 18.00 16.35
C GLU A 49 2.82 17.19 16.10
N LEU A 50 1.96 17.75 15.26
CA LEU A 50 0.69 17.11 14.94
C LEU A 50 0.90 15.92 14.03
N LYS A 51 0.20 14.83 14.33
CA LYS A 51 0.23 13.66 13.46
C LYS A 51 -0.32 14.01 12.08
N VAL A 52 0.33 13.49 11.04
CA VAL A 52 -0.13 13.73 9.68
C VAL A 52 -1.56 13.22 9.54
N GLY A 53 -2.41 14.03 8.92
CA GLY A 53 -3.83 13.74 8.84
C GLY A 53 -4.68 14.51 9.82
N TYR A 54 -4.06 15.25 10.75
CA TYR A 54 -4.78 16.11 11.66
C TYR A 54 -4.24 17.53 11.68
N ILE A 55 -3.22 17.84 10.88
CA ILE A 55 -2.52 19.11 10.99
C ILE A 55 -3.44 20.26 10.61
N SER A 56 -4.14 20.11 9.48
CA SER A 56 -5.06 21.17 9.04
C SER A 56 -6.31 21.20 9.91
N ALA A 57 -6.90 20.03 10.16
CA ALA A 57 -8.13 19.95 10.92
C ALA A 57 -8.32 18.51 11.39
N ILE A 58 -9.27 18.34 12.30
CA ILE A 58 -9.65 17.01 12.78
C ILE A 58 -11.00 16.65 12.19
N LYS A 59 -10.99 16.02 11.02
CA LYS A 59 -12.22 15.63 10.36
C LYS A 59 -12.96 14.58 11.18
N VAL A 60 -14.28 14.63 11.11
CA VAL A 60 -15.14 13.64 11.74
C VAL A 60 -16.18 13.21 10.70
N ASN A 61 -16.12 11.95 10.30
CA ASN A 61 -17.00 11.43 9.26
C ASN A 61 -18.45 11.43 9.72
N GLY A 62 -19.37 11.47 8.76
CA GLY A 62 -20.78 11.51 9.06
C GLY A 62 -21.60 11.27 7.82
N PHE A 63 -22.92 11.31 8.01
CA PHE A 63 -23.86 11.05 6.94
C PHE A 63 -25.05 11.99 7.06
N THR A 64 -25.76 12.15 5.96
CA THR A 64 -26.89 13.04 5.82
C THR A 64 -28.16 12.21 5.69
N CYS A 65 -29.11 12.44 6.59
CA CYS A 65 -30.42 11.78 6.53
C CYS A 65 -31.44 12.76 5.98
N THR A 66 -32.05 12.39 4.85
CA THR A 66 -33.16 13.13 4.28
C THR A 66 -34.41 12.26 4.34
N GLY A 67 -35.50 12.83 4.84
CA GLY A 67 -36.75 12.10 4.95
C GLY A 67 -37.78 12.52 3.92
N VAL A 68 -38.25 11.56 3.11
CA VAL A 68 -39.28 11.84 2.12
C VAL A 68 -40.35 10.76 2.18
N VAL A 69 -41.56 11.12 1.79
CA VAL A 69 -42.70 10.21 1.74
C VAL A 69 -43.27 10.23 0.33
N THR A 70 -43.73 9.07 -0.14
CA THR A 70 -44.30 8.95 -1.48
C THR A 70 -45.77 8.56 -1.39
N GLU A 71 -46.59 9.25 -2.18
CA GLU A 71 -48.04 9.05 -2.22
C GLU A 71 -48.44 8.58 -3.61
N ALA A 72 -48.69 7.28 -3.75
CA ALA A 72 -49.15 6.71 -5.02
C ALA A 72 -50.68 6.71 -5.05
N GLU A 73 -51.25 7.39 -6.03
CA GLU A 73 -52.70 7.44 -6.17
C GLU A 73 -53.15 6.85 -7.50
N THR A 83 -48.12 8.06 -10.94
CA THR A 83 -48.87 9.07 -10.22
C THR A 83 -48.33 9.27 -8.80
N PHE A 84 -47.11 9.79 -8.72
CA PHE A 84 -46.43 10.01 -7.46
C PHE A 84 -46.37 11.50 -7.15
N LYS A 85 -46.44 11.83 -5.86
CA LYS A 85 -46.48 13.21 -5.40
C LYS A 85 -45.66 13.34 -4.11
N ARG A 86 -44.42 12.88 -4.16
CA ARG A 86 -43.58 12.83 -2.97
C ARG A 86 -43.31 14.23 -2.42
N LYS A 87 -43.03 14.27 -1.13
CA LYS A 87 -42.70 15.50 -0.40
C LYS A 87 -41.83 15.11 0.79
N HIS A 88 -41.32 16.13 1.50
CA HIS A 88 -40.37 15.90 2.58
C HIS A 88 -41.07 15.78 3.93
N PHE A 89 -40.30 15.29 4.91
CA PHE A 89 -40.66 15.33 6.32
C PHE A 89 -39.39 15.30 7.14
N ARG A 90 -39.46 15.88 8.34
CA ARG A 90 -38.29 15.92 9.21
C ARG A 90 -38.10 14.57 9.88
N PRO A 91 -36.97 13.90 9.66
CA PRO A 91 -36.79 12.53 10.16
C PRO A 91 -36.39 12.51 11.63
N THR A 92 -36.12 11.30 12.12
CA THR A 92 -35.76 11.02 13.50
C THR A 92 -34.35 10.44 13.58
N PRO A 93 -33.59 10.73 14.64
CA PRO A 93 -32.21 10.22 14.71
C PRO A 93 -32.11 8.71 14.77
N ASP A 94 -32.96 8.06 15.59
CA ASP A 94 -32.85 6.62 15.79
C ASP A 94 -33.03 5.86 14.48
N ALA A 95 -34.12 6.16 13.76
CA ALA A 95 -34.40 5.44 12.52
C ALA A 95 -33.37 5.76 11.44
N CYS A 96 -32.86 6.99 11.42
CA CYS A 96 -31.81 7.34 10.45
C CYS A 96 -30.54 6.55 10.73
N ARG A 97 -30.18 6.41 12.01
CA ARG A 97 -29.03 5.58 12.37
C ARG A 97 -29.25 4.13 11.94
N ALA A 98 -30.42 3.57 12.29
CA ALA A 98 -30.68 2.17 11.98
C ALA A 98 -30.67 1.91 10.48
N ALA A 99 -31.16 2.88 9.68
CA ALA A 99 -31.13 2.72 8.24
C ALA A 99 -29.71 2.85 7.70
N TYR A 100 -28.93 3.78 8.27
CA TYR A 100 -27.54 3.92 7.87
C TYR A 100 -26.77 2.62 8.07
N ASN A 101 -26.96 1.96 9.22
CA ASN A 101 -26.23 0.71 9.46
C ASN A 101 -26.60 -0.36 8.45
N TRP A 102 -27.81 -0.29 7.88
CA TRP A 102 -28.17 -1.22 6.81
C TRP A 102 -27.55 -0.81 5.47
N LYS A 103 -27.32 0.50 5.27
CA LYS A 103 -26.76 0.96 4.00
C LYS A 103 -25.45 0.25 3.66
N MET A 104 -24.73 -0.24 4.68
CA MET A 104 -23.47 -0.93 4.44
C MET A 104 -23.70 -2.37 3.98
N ALA A 105 -24.50 -3.14 4.73
CA ALA A 105 -24.66 -4.56 4.45
C ALA A 105 -26.10 -4.93 4.12
N GLY A 106 -27.06 -4.44 4.89
CA GLY A 106 -28.45 -4.83 4.72
C GLY A 106 -29.09 -4.34 3.44
N ASP A 107 -30.42 -4.33 3.40
CA ASP A 107 -31.17 -3.99 2.19
C ASP A 107 -32.17 -2.88 2.50
N PRO A 108 -31.87 -1.64 2.12
CA PRO A 108 -32.85 -0.55 2.21
C PRO A 108 -33.68 -0.43 0.95
N ARG A 109 -34.94 -0.02 1.14
CA ARG A 109 -35.88 0.07 0.04
C ARG A 109 -36.57 1.43 0.04
N TYR A 110 -36.87 1.93 -1.16
CA TYR A 110 -37.61 3.17 -1.29
C TYR A 110 -38.71 3.05 -2.35
N ARG A 124 -55.03 4.87 -3.10
CA ARG A 124 -54.01 5.73 -2.53
C ARG A 124 -53.23 5.03 -1.42
N THR A 125 -51.91 4.99 -1.58
CA THR A 125 -51.01 4.42 -0.58
C THR A 125 -49.85 5.37 -0.38
N THR A 126 -49.23 5.31 0.80
CA THR A 126 -48.07 6.13 1.10
C THR A 126 -46.98 5.30 1.74
N LYS A 127 -45.73 5.66 1.47
CA LYS A 127 -44.59 5.03 2.13
C LYS A 127 -43.58 6.09 2.55
N GLU A 128 -43.16 6.05 3.80
CA GLU A 128 -42.09 6.90 4.28
C GLU A 128 -40.74 6.27 3.98
N SER A 129 -39.72 7.11 3.91
CA SER A 129 -38.41 6.65 3.47
C SER A 129 -37.32 7.59 3.95
N LEU A 130 -36.20 7.01 4.38
CA LEU A 130 -35.02 7.72 4.83
C LEU A 130 -33.91 7.46 3.82
N ILE A 131 -33.62 8.45 2.98
CA ILE A 131 -32.52 8.35 2.03
C ILE A 131 -31.27 8.97 2.66
N ILE A 132 -30.19 8.17 2.67
CA ILE A 132 -28.94 8.49 3.36
C ILE A 132 -27.90 8.89 2.32
N ILE A 133 -27.14 9.93 2.64
CA ILE A 133 -26.12 10.48 1.76
C ILE A 133 -24.79 10.36 2.46
N SER A 134 -23.87 9.61 1.86
CA SER A 134 -22.51 9.46 2.38
C SER A 134 -21.51 9.67 1.26
N PRO A 135 -20.37 10.27 1.59
CA PRO A 135 -20.03 10.79 2.91
C PRO A 135 -20.23 12.29 3.06
N SER A 136 -20.51 12.73 4.29
CA SER A 136 -20.55 14.13 4.65
C SER A 136 -19.58 14.34 5.80
N VAL A 137 -18.51 15.10 5.57
CA VAL A 137 -17.43 15.28 6.53
C VAL A 137 -17.50 16.69 7.09
N THR A 138 -17.28 16.82 8.40
CA THR A 138 -17.22 18.10 9.08
C THR A 138 -15.92 18.19 9.87
N ASP A 139 -15.49 19.41 10.13
CA ASP A 139 -14.31 19.66 10.94
C ASP A 139 -14.72 19.92 12.38
N LEU A 140 -13.76 19.81 13.29
CA LEU A 140 -14.05 19.90 14.72
C LEU A 140 -13.16 20.97 15.36
N ASP A 141 -13.79 21.96 15.94
CA ASP A 141 -13.09 22.88 16.84
C ASP A 141 -12.88 22.18 18.18
N PRO A 142 -11.64 22.02 18.63
CA PRO A 142 -11.37 21.26 19.86
C PRO A 142 -11.67 22.02 21.14
N TYR A 143 -11.95 23.32 21.06
CA TYR A 143 -12.38 24.06 22.24
C TYR A 143 -13.83 23.74 22.58
N ASP A 144 -14.75 24.10 21.68
CA ASP A 144 -16.17 23.82 21.89
C ASP A 144 -16.53 22.38 21.64
N LYS A 145 -15.59 21.56 21.16
CA LYS A 145 -15.91 20.27 20.56
C LYS A 145 -17.05 20.43 19.56
N SER A 146 -16.88 21.39 18.65
CA SER A 146 -17.98 21.81 17.80
C SER A 146 -17.72 21.44 16.34
N LEU A 147 -18.81 21.27 15.58
CA LEU A 147 -18.74 20.79 14.22
C LEU A 147 -18.95 21.94 13.23
N HIS A 148 -17.99 22.12 12.33
CA HIS A 148 -18.01 23.17 11.32
C HIS A 148 -18.09 22.54 9.94
N SER A 149 -19.01 23.06 9.12
CA SER A 149 -19.24 22.58 7.77
C SER A 149 -20.21 23.54 7.08
N ARG A 150 -20.41 23.34 5.80
CA ARG A 150 -21.30 24.19 5.02
C ARG A 150 -22.68 23.60 4.82
N VAL A 151 -22.91 22.36 5.28
CA VAL A 151 -24.29 21.85 5.32
C VAL A 151 -25.06 22.53 6.44
N PHE A 152 -24.37 23.02 7.46
CA PHE A 152 -24.97 23.72 8.58
C PHE A 152 -25.18 25.18 8.20
N PRO A 153 -25.84 25.96 9.06
CA PRO A 153 -25.74 27.43 8.92
C PRO A 153 -24.40 27.95 9.42
N GLY A 154 -23.44 28.13 8.53
CA GLY A 154 -22.12 28.64 8.90
C GLY A 154 -21.37 27.76 9.89
N GLY A 155 -21.33 26.46 9.63
CA GLY A 155 -20.70 25.51 10.53
C GLY A 155 -21.20 25.62 11.95
N LYS A 156 -22.48 25.30 12.14
CA LYS A 156 -23.19 25.69 13.36
C LYS A 156 -23.03 24.70 14.50
N CYS A 157 -23.24 23.41 14.23
CA CYS A 157 -23.53 22.44 15.27
C CYS A 157 -22.55 22.53 16.44
N SER A 158 -23.10 22.81 17.63
CA SER A 158 -22.31 22.78 18.86
C SER A 158 -21.59 21.44 19.04
N GLY A 159 -22.06 20.39 18.37
CA GLY A 159 -21.54 19.05 18.45
C GLY A 159 -22.65 18.08 18.79
N ILE A 160 -22.25 16.85 19.11
CA ILE A 160 -23.18 15.81 19.55
C ILE A 160 -22.88 15.45 21.00
N THR A 161 -23.94 15.21 21.76
CA THR A 161 -23.83 14.81 23.16
C THR A 161 -24.53 13.47 23.34
N VAL A 162 -24.67 13.05 24.60
CA VAL A 162 -25.58 11.94 24.87
C VAL A 162 -27.01 12.40 24.71
N SER A 163 -27.29 13.66 25.05
CA SER A 163 -28.60 14.25 24.87
C SER A 163 -28.89 14.49 23.39
N SER A 164 -28.15 15.40 22.78
CA SER A 164 -28.31 15.70 21.37
C SER A 164 -27.55 14.69 20.53
N THR A 165 -28.27 14.01 19.63
CA THR A 165 -27.68 12.96 18.80
C THR A 165 -27.63 13.35 17.32
N TYR A 166 -27.88 14.60 16.98
CA TYR A 166 -27.97 15.02 15.59
C TYR A 166 -27.68 16.51 15.50
N CYS A 167 -27.57 16.99 14.26
CA CYS A 167 -27.36 18.41 13.98
C CYS A 167 -28.36 18.87 12.92
N SER A 168 -28.51 20.19 12.82
CA SER A 168 -29.48 20.81 11.94
C SER A 168 -28.81 21.32 10.68
N THR A 169 -29.35 20.94 9.53
CA THR A 169 -28.83 21.36 8.24
C THR A 169 -29.55 22.62 7.75
N ASN A 170 -29.12 23.13 6.60
CA ASN A 170 -29.84 24.22 5.96
C ASN A 170 -31.17 23.77 5.38
N HIS A 171 -31.32 22.48 5.12
CA HIS A 171 -32.58 21.92 4.64
C HIS A 171 -33.43 21.55 5.85
N ASP A 172 -34.63 22.11 5.93
CA ASP A 172 -35.47 21.93 7.11
C ASP A 172 -35.84 20.47 7.36
N TYR A 173 -35.81 19.63 6.34
CA TYR A 173 -36.16 18.22 6.45
C TYR A 173 -34.94 17.32 6.29
N THR A 174 -33.82 17.71 6.91
CA THR A 174 -32.56 17.00 6.71
C THR A 174 -31.70 17.17 7.95
N ILE A 175 -31.11 16.06 8.43
CA ILE A 175 -30.26 16.13 9.62
C ILE A 175 -28.94 15.43 9.33
N TRP A 176 -27.94 15.77 10.14
CA TRP A 176 -26.59 15.22 10.03
C TRP A 176 -26.30 14.36 11.24
N MET A 177 -25.74 13.17 11.01
CA MET A 177 -25.37 12.30 12.14
C MET A 177 -24.03 11.64 11.85
N PRO A 178 -23.17 11.53 12.86
CA PRO A 178 -21.83 10.99 12.62
C PRO A 178 -21.86 9.51 12.28
N GLU A 179 -20.87 9.09 11.47
CA GLU A 179 -20.70 7.68 11.14
C GLU A 179 -20.37 6.82 12.35
N ASN A 180 -20.06 7.43 13.49
CA ASN A 180 -19.70 6.75 14.71
C ASN A 180 -20.73 7.04 15.80
N PRO A 181 -20.93 6.13 16.75
CA PRO A 181 -21.75 6.47 17.93
C PRO A 181 -21.23 7.69 18.65
N ARG A 182 -21.98 8.17 19.65
CA ARG A 182 -21.67 9.48 20.24
C ARG A 182 -20.27 9.60 20.84
N PRO A 183 -19.67 8.61 21.48
CA PRO A 183 -18.35 8.87 22.08
C PRO A 183 -17.25 8.92 21.04
N ARG A 184 -16.57 10.08 20.95
CA ARG A 184 -15.47 10.33 20.02
C ARG A 184 -14.45 11.23 20.72
N THR A 185 -13.79 10.68 21.74
CA THR A 185 -12.67 11.36 22.37
C THR A 185 -11.50 11.34 21.42
N PRO A 186 -11.05 12.48 20.90
CA PRO A 186 -10.14 12.50 19.74
C PRO A 186 -8.66 12.73 20.04
N CYS A 187 -8.27 12.97 21.28
CA CYS A 187 -6.99 13.61 21.59
C CYS A 187 -5.75 12.74 21.29
N ASP A 188 -5.77 11.62 20.55
CA ASP A 188 -4.53 10.92 20.19
C ASP A 188 -4.12 11.42 18.80
N ILE A 189 -3.50 12.60 18.81
CA ILE A 189 -3.20 13.33 17.58
C ILE A 189 -1.73 13.74 17.48
N PHE A 190 -0.89 13.38 18.44
CA PHE A 190 0.47 13.92 18.48
C PHE A 190 1.48 12.90 18.01
N THR A 191 2.69 13.39 17.72
CA THR A 191 3.82 12.53 17.41
C THR A 191 5.09 13.25 17.84
N ASN A 192 6.03 12.48 18.40
CA ASN A 192 7.31 13.02 18.84
C ASN A 192 8.35 12.77 17.77
N SER A 193 8.91 13.85 17.23
CA SER A 193 9.90 13.81 16.17
C SER A 193 11.19 14.46 16.65
N ARG A 194 12.28 14.20 15.93
CA ARG A 194 13.57 14.79 16.25
C ARG A 194 13.81 16.01 15.37
N GLY A 195 14.70 16.87 15.84
CA GLY A 195 15.01 18.05 15.06
C GLY A 195 16.18 18.80 15.64
N LYS A 196 16.46 19.96 15.06
CA LYS A 196 17.53 20.83 15.58
C LYS A 196 16.97 22.23 15.79
N ARG A 197 17.08 22.72 17.02
CA ARG A 197 16.59 24.03 17.40
C ARG A 197 17.71 25.04 17.16
N ALA A 198 17.68 25.69 16.00
CA ALA A 198 18.60 26.79 15.73
C ALA A 198 18.11 28.03 16.49
N SER A 199 18.96 28.55 17.37
CA SER A 199 18.53 29.59 18.29
C SER A 199 19.08 30.96 17.94
N ASN A 200 20.25 31.05 17.31
CA ASN A 200 21.12 32.22 17.44
C ASN A 200 21.62 32.14 18.88
N GLY A 201 22.28 33.18 19.39
CA GLY A 201 22.76 33.13 20.75
C GLY A 201 21.63 33.16 21.78
N ASN A 202 20.80 34.20 21.74
CA ASN A 202 19.96 34.60 22.87
C ASN A 202 18.55 33.98 22.83
N LYS A 203 17.88 34.01 21.68
CA LYS A 203 16.46 33.70 21.58
C LYS A 203 16.21 32.73 20.43
N THR A 204 15.70 31.54 20.74
CA THR A 204 15.34 30.56 19.72
C THR A 204 14.51 31.19 18.61
N CYS A 205 14.97 31.04 17.38
CA CYS A 205 14.28 31.60 16.22
C CYS A 205 13.87 30.59 15.16
N GLY A 206 14.40 29.37 15.18
CA GLY A 206 13.96 28.42 14.18
C GLY A 206 14.31 27.02 14.56
N PHE A 207 13.81 26.07 13.77
CA PHE A 207 14.20 24.68 13.95
C PHE A 207 14.10 23.96 12.62
N VAL A 208 14.71 22.78 12.57
CA VAL A 208 14.57 21.88 11.43
C VAL A 208 13.94 20.58 11.92
N ASP A 209 12.92 20.14 11.18
CA ASP A 209 12.10 18.98 11.47
C ASP A 209 12.82 17.70 11.04
N GLU A 210 12.14 16.56 11.18
CA GLU A 210 12.72 15.30 10.75
C GLU A 210 12.95 15.27 9.24
N ARG A 211 12.14 15.99 8.48
CA ARG A 211 12.35 16.08 7.03
C ARG A 211 13.58 16.90 6.67
N GLY A 212 14.19 17.58 7.63
CA GLY A 212 15.37 18.38 7.36
C GLY A 212 15.09 19.70 6.66
N LEU A 213 14.03 20.39 7.06
CA LEU A 213 13.64 21.65 6.43
C LEU A 213 13.48 22.72 7.51
N TYR A 214 13.99 23.91 7.23
CA TYR A 214 13.95 24.99 8.21
C TYR A 214 12.54 25.56 8.30
N LYS A 215 11.95 25.48 9.49
CA LYS A 215 10.71 26.18 9.81
C LYS A 215 11.03 27.28 10.81
N SER A 216 10.50 28.47 10.53
CA SER A 216 10.78 29.68 11.29
C SER A 216 9.57 30.04 12.17
N LEU A 217 9.86 30.63 13.33
CA LEU A 217 8.83 31.10 14.22
C LEU A 217 8.35 32.52 13.89
N LYS A 218 8.87 33.10 12.80
CA LYS A 218 8.47 34.43 12.36
C LYS A 218 7.00 34.43 11.98
N GLY A 219 6.13 34.92 12.87
CA GLY A 219 4.71 35.00 12.60
C GLY A 219 3.85 33.91 13.21
N ALA A 220 4.42 33.06 14.06
CA ALA A 220 3.63 32.01 14.69
C ALA A 220 2.69 32.61 15.73
N CYS A 221 1.62 31.86 16.03
CA CYS A 221 0.66 32.28 17.06
C CYS A 221 0.30 31.06 17.91
N ARG A 222 0.01 31.29 19.19
CA ARG A 222 -0.23 30.14 20.05
C ARG A 222 -1.58 29.50 19.76
N LEU A 223 -1.79 28.34 20.38
CA LEU A 223 -2.99 27.54 20.26
C LEU A 223 -2.81 26.48 21.34
N LYS A 224 -3.90 26.16 22.05
CA LYS A 224 -3.94 25.06 22.98
C LYS A 224 -4.75 23.93 22.38
N LEU A 225 -4.17 22.73 22.36
CA LEU A 225 -4.84 21.55 21.85
C LEU A 225 -4.64 20.41 22.84
N CYS A 226 -5.75 19.86 23.33
CA CYS A 226 -5.73 18.75 24.29
C CYS A 226 -4.94 19.12 25.54
N GLY A 227 -5.08 20.37 25.97
CA GLY A 227 -4.33 20.83 27.12
C GLY A 227 -2.86 21.02 26.88
N VAL A 228 -2.44 21.21 25.63
CA VAL A 228 -1.05 21.42 25.28
C VAL A 228 -0.95 22.75 24.54
N LEU A 229 -0.32 23.74 25.15
CA LEU A 229 -0.04 24.99 24.48
C LEU A 229 1.06 24.77 23.45
N GLY A 230 0.95 25.46 22.31
CA GLY A 230 1.98 25.34 21.29
C GLY A 230 1.71 26.32 20.17
N LEU A 231 2.73 26.52 19.33
CA LEU A 231 2.59 27.49 18.26
C LEU A 231 2.08 26.85 16.98
N ARG A 232 1.31 27.64 16.23
CA ARG A 232 0.91 27.34 14.87
C ARG A 232 1.64 28.34 13.97
N LEU A 233 2.41 27.81 13.04
CA LEU A 233 3.30 28.63 12.21
C LEU A 233 2.57 29.14 10.98
N MET A 234 3.30 29.83 10.11
CA MET A 234 2.68 30.41 8.92
C MET A 234 2.32 29.34 7.90
N ASP A 235 3.22 28.36 7.71
CA ASP A 235 2.96 27.27 6.77
C ASP A 235 1.77 26.41 7.17
N GLY A 236 1.32 26.50 8.42
CA GLY A 236 0.19 25.74 8.90
C GLY A 236 0.53 24.71 9.95
N THR A 237 1.81 24.39 10.13
CA THR A 237 2.19 23.36 11.09
C THR A 237 2.05 23.87 12.52
N TRP A 238 1.52 23.01 13.38
CA TRP A 238 1.52 23.25 14.81
C TRP A 238 2.64 22.45 15.47
N VAL A 239 3.30 23.06 16.45
CA VAL A 239 4.40 22.44 17.16
C VAL A 239 4.22 22.69 18.66
N ALA A 240 4.90 21.86 19.45
CA ALA A 240 4.85 21.96 20.91
C ALA A 240 6.08 22.71 21.39
N MET A 241 6.01 24.04 21.28
CA MET A 241 7.08 24.92 21.74
C MET A 241 6.47 26.14 22.40
N GLN A 242 7.00 26.49 23.58
CA GLN A 242 6.49 27.62 24.35
C GLN A 242 7.47 28.78 24.42
N THR A 243 8.70 28.60 23.94
CA THR A 243 9.77 29.59 24.00
C THR A 243 9.55 30.74 23.07
N SER A 244 8.35 30.85 22.49
CA SER A 244 7.98 32.03 21.72
C SER A 244 8.15 33.30 22.53
N ASP A 245 8.19 33.18 23.87
CA ASP A 245 7.85 34.26 24.78
C ASP A 245 6.38 34.61 24.57
N GLU A 246 5.93 35.71 25.16
CA GLU A 246 4.53 36.10 25.06
C GLU A 246 4.23 36.57 23.64
N THR A 247 3.18 36.02 23.02
CA THR A 247 2.82 36.42 21.66
C THR A 247 1.37 36.04 21.39
N LYS A 248 0.75 36.78 20.47
CA LYS A 248 -0.69 36.76 20.23
C LYS A 248 -1.20 35.36 19.88
N TRP A 249 -2.46 35.10 20.25
CA TRP A 249 -3.16 33.88 19.90
C TRP A 249 -3.35 33.77 18.38
N CYS A 250 -3.81 32.56 17.95
CA CYS A 250 -4.28 32.44 16.58
C CYS A 250 -5.75 32.82 16.48
N PRO A 251 -6.19 33.28 15.31
CA PRO A 251 -7.61 33.57 15.10
C PRO A 251 -8.45 32.33 15.31
N PRO A 252 -9.78 32.48 15.47
CA PRO A 252 -10.62 31.28 15.64
C PRO A 252 -10.60 30.37 14.43
N ASP A 253 -10.44 30.92 13.23
CA ASP A 253 -10.38 30.11 12.02
C ASP A 253 -9.15 29.22 11.98
N HIS A 268 6.39 41.18 3.01
CA HIS A 268 7.64 41.92 2.97
C HIS A 268 8.63 41.30 1.99
N LEU A 269 8.71 39.97 1.99
CA LEU A 269 9.66 39.23 1.18
C LEU A 269 8.91 38.27 0.28
N VAL A 270 8.50 38.76 -0.88
CA VAL A 270 7.80 37.95 -1.87
C VAL A 270 8.34 38.28 -3.25
N VAL A 271 9.19 37.40 -3.79
CA VAL A 271 9.78 37.67 -5.10
C VAL A 271 8.70 37.68 -6.17
N GLU A 272 9.04 38.24 -7.33
CA GLU A 272 8.10 38.30 -8.43
C GLU A 272 7.66 36.90 -8.87
N GLU A 273 8.55 35.92 -8.76
CA GLU A 273 8.21 34.57 -9.22
C GLU A 273 7.08 33.98 -8.39
N LEU A 274 7.08 34.23 -7.08
CA LEU A 274 6.03 33.72 -6.21
C LEU A 274 4.66 34.26 -6.62
N VAL A 275 4.58 35.56 -6.88
CA VAL A 275 3.30 36.18 -7.21
C VAL A 275 2.85 35.77 -8.61
N LYS A 276 3.73 35.99 -9.59
CA LYS A 276 3.47 35.64 -10.99
C LYS A 276 3.33 34.14 -11.20
N LYS A 277 3.56 33.33 -10.18
CA LYS A 277 3.19 31.92 -10.21
C LYS A 277 1.93 31.62 -9.43
N ARG A 278 1.60 32.45 -8.43
CA ARG A 278 0.35 32.33 -7.69
C ARG A 278 -0.85 32.66 -8.58
N GLU A 279 -0.70 33.65 -9.45
CA GLU A 279 -1.83 34.11 -10.25
C GLU A 279 -2.38 33.01 -11.15
N GLU A 280 -1.53 32.17 -11.73
CA GLU A 280 -2.06 31.11 -12.59
C GLU A 280 -2.80 30.06 -11.79
N CYS A 281 -2.38 29.80 -10.55
CA CYS A 281 -3.19 28.93 -9.70
C CYS A 281 -4.55 29.56 -9.45
N LEU A 282 -4.59 30.88 -9.34
CA LEU A 282 -5.89 31.54 -9.18
C LEU A 282 -6.72 31.45 -10.46
N ASP A 283 -6.07 31.56 -11.63
CA ASP A 283 -6.77 31.39 -12.90
C ASP A 283 -7.29 29.97 -13.06
N ALA A 284 -6.55 28.99 -12.52
CA ALA A 284 -6.95 27.60 -12.66
C ALA A 284 -8.11 27.28 -11.72
N LEU A 285 -8.03 27.77 -10.47
CA LEU A 285 -9.14 27.61 -9.54
C LEU A 285 -10.39 28.32 -10.06
N GLU A 286 -10.22 29.52 -10.61
CA GLU A 286 -11.33 30.24 -11.25
C GLU A 286 -11.91 29.41 -12.40
N SER A 287 -11.04 28.78 -13.19
CA SER A 287 -11.50 27.95 -14.29
C SER A 287 -12.27 26.74 -13.76
N ILE A 288 -11.81 26.15 -12.66
CA ILE A 288 -12.46 24.98 -12.08
C ILE A 288 -13.85 25.34 -11.60
N MET A 289 -13.95 26.35 -10.74
CA MET A 289 -15.25 26.69 -10.17
C MET A 289 -16.20 27.27 -11.20
N THR A 290 -15.68 28.00 -12.20
CA THR A 290 -16.55 28.49 -13.27
C THR A 290 -17.07 27.36 -14.13
N THR A 291 -16.23 26.36 -14.41
CA THR A 291 -16.63 25.22 -15.22
C THR A 291 -17.22 24.08 -14.40
N LYS A 292 -17.18 24.16 -13.08
CA LYS A 292 -17.65 23.11 -12.17
C LYS A 292 -16.98 21.76 -12.42
N SER A 293 -15.92 21.72 -13.21
CA SER A 293 -15.27 20.48 -13.60
C SER A 293 -13.80 20.53 -13.20
N VAL A 294 -13.20 19.35 -13.09
CA VAL A 294 -11.80 19.23 -12.70
C VAL A 294 -11.11 18.23 -13.62
N SER A 295 -9.82 18.46 -13.84
CA SER A 295 -9.00 17.57 -14.65
C SER A 295 -7.64 17.42 -13.99
N PHE A 296 -6.95 16.33 -14.33
CA PHE A 296 -5.66 16.05 -13.71
C PHE A 296 -4.66 17.17 -14.00
N ARG A 297 -4.70 17.72 -15.21
CA ARG A 297 -3.81 18.84 -15.56
C ARG A 297 -4.10 20.05 -14.68
N ARG A 298 -5.34 20.55 -14.72
CA ARG A 298 -5.71 21.68 -13.87
C ARG A 298 -5.51 21.36 -12.40
N LEU A 299 -5.62 20.08 -12.02
CA LEU A 299 -5.36 19.69 -10.64
C LEU A 299 -3.89 19.82 -10.26
N SER A 300 -2.97 19.58 -11.20
CA SER A 300 -1.55 19.65 -10.87
C SER A 300 -1.09 21.07 -10.53
N HIS A 301 -1.88 22.10 -10.85
CA HIS A 301 -1.47 23.46 -10.55
C HIS A 301 -1.59 23.81 -9.08
N LEU A 302 -2.47 23.13 -8.34
CA LEU A 302 -2.63 23.39 -6.92
C LEU A 302 -1.53 22.78 -6.07
N ARG A 303 -0.54 22.16 -6.71
CA ARG A 303 0.57 21.54 -5.98
C ARG A 303 1.47 22.61 -5.36
N LYS A 304 1.97 22.33 -4.16
CA LYS A 304 2.88 23.23 -3.48
C LYS A 304 4.26 23.11 -4.12
N LEU A 305 4.79 24.24 -4.61
CA LEU A 305 6.01 24.24 -5.40
C LEU A 305 7.29 24.28 -4.57
N VAL A 306 7.19 24.40 -3.25
CA VAL A 306 8.37 24.43 -2.39
C VAL A 306 8.12 23.50 -1.21
N PRO A 307 9.19 23.04 -0.55
CA PRO A 307 9.00 22.14 0.60
C PRO A 307 8.25 22.83 1.73
N GLY A 308 7.74 22.00 2.64
CA GLY A 308 6.89 22.46 3.73
C GLY A 308 5.53 21.79 3.69
N PHE A 309 4.77 22.03 4.75
CA PHE A 309 3.43 21.46 4.84
C PHE A 309 2.55 21.98 3.71
N GLY A 310 1.58 21.16 3.32
CA GLY A 310 0.63 21.56 2.29
C GLY A 310 -0.39 20.47 2.09
N LYS A 311 -1.32 20.77 1.19
CA LYS A 311 -2.38 19.86 0.80
C LYS A 311 -2.04 19.15 -0.50
N ALA A 312 -2.49 17.89 -0.60
CA ALA A 312 -2.33 17.08 -1.80
C ALA A 312 -3.71 16.64 -2.25
N TYR A 313 -4.06 16.96 -3.50
CA TYR A 313 -5.40 16.69 -4.02
C TYR A 313 -5.35 15.58 -5.07
N THR A 314 -6.48 14.90 -5.22
CA THR A 314 -6.66 13.88 -6.26
C THR A 314 -8.15 13.65 -6.40
N ILE A 315 -8.51 12.77 -7.33
CA ILE A 315 -9.91 12.42 -7.53
C ILE A 315 -10.01 10.94 -7.89
N PHE A 316 -10.88 10.21 -7.20
CA PHE A 316 -11.12 8.79 -7.41
C PHE A 316 -12.59 8.62 -7.78
N ASN A 317 -12.86 8.16 -8.99
CA ASN A 317 -14.21 7.88 -9.39
C ASN A 317 -15.23 8.98 -9.18
N LYS A 318 -14.88 10.20 -9.58
CA LYS A 318 -15.78 11.32 -9.45
C LYS A 318 -15.85 11.85 -8.06
N THR A 319 -14.99 11.33 -7.18
CA THR A 319 -15.00 11.83 -5.83
C THR A 319 -13.73 12.56 -5.61
N LEU A 320 -13.84 13.85 -5.46
CA LEU A 320 -12.67 14.69 -5.22
C LEU A 320 -12.22 14.52 -3.76
N MET A 321 -10.91 14.37 -3.56
CA MET A 321 -10.37 14.09 -2.22
C MET A 321 -9.04 14.82 -2.02
N GLU A 322 -8.72 15.04 -0.73
CA GLU A 322 -7.54 15.78 -0.32
C GLU A 322 -6.85 15.04 0.83
N ALA A 323 -5.59 15.41 1.09
CA ALA A 323 -4.82 14.75 2.14
C ALA A 323 -3.68 15.66 2.59
N ASP A 324 -3.35 15.59 3.87
CA ASP A 324 -2.22 16.33 4.41
C ASP A 324 -0.91 15.80 3.85
N ALA A 325 0.07 16.69 3.68
CA ALA A 325 1.35 16.27 3.13
C ALA A 325 2.48 17.17 3.63
N HIS A 326 3.60 16.56 3.99
CA HIS A 326 4.84 17.28 4.25
C HIS A 326 5.66 17.24 2.98
N TYR A 327 5.49 18.27 2.15
CA TYR A 327 6.17 18.32 0.86
C TYR A 327 7.68 18.51 1.02
N LYS A 328 8.44 17.86 0.13
CA LYS A 328 9.88 18.00 0.05
C LYS A 328 10.27 18.05 -1.42
N SER A 329 11.39 18.70 -1.70
CA SER A 329 11.72 19.03 -3.09
C SER A 329 12.25 17.82 -3.84
N VAL A 330 12.22 17.92 -5.17
CA VAL A 330 12.77 16.92 -6.09
C VAL A 330 13.81 17.61 -6.97
N ARG A 331 14.94 16.94 -7.18
CA ARG A 331 16.01 17.47 -8.03
C ARG A 331 16.00 16.88 -9.43
N THR A 332 15.75 15.58 -9.55
CA THR A 332 15.74 14.89 -10.83
C THR A 332 14.64 13.85 -10.82
N TRP A 333 13.95 13.70 -11.96
CA TRP A 333 12.82 12.79 -12.04
C TRP A 333 13.18 11.34 -11.71
N ASN A 334 14.46 10.99 -11.82
CA ASN A 334 14.87 9.62 -11.50
C ASN A 334 14.58 9.28 -10.04
N GLU A 335 14.67 10.26 -9.14
CA GLU A 335 14.55 9.99 -7.72
C GLU A 335 13.11 9.94 -7.23
N ILE A 336 12.12 9.99 -8.12
CA ILE A 336 10.74 9.75 -7.71
C ILE A 336 10.11 8.77 -8.70
N ILE A 337 10.84 8.47 -9.77
CA ILE A 337 10.47 7.38 -10.67
C ILE A 337 11.71 6.55 -10.99
N PRO A 338 12.10 5.62 -10.13
CA PRO A 338 13.31 4.82 -10.41
C PRO A 338 13.02 3.59 -11.25
N SER A 339 11.86 2.99 -11.06
CA SER A 339 11.42 1.81 -11.79
C SER A 339 10.28 2.19 -12.72
N LYS A 340 9.78 1.20 -13.47
CA LYS A 340 8.87 1.48 -14.57
C LYS A 340 7.54 2.05 -14.07
N GLY A 341 7.06 1.57 -12.92
CA GLY A 341 5.79 2.01 -12.40
C GLY A 341 5.86 2.35 -10.93
N CYS A 342 7.05 2.72 -10.47
CA CYS A 342 7.30 3.03 -9.07
C CYS A 342 7.27 4.54 -8.87
N LEU A 343 6.35 5.00 -8.02
CA LEU A 343 6.28 6.39 -7.61
C LEU A 343 6.78 6.44 -6.16
N LYS A 344 8.07 6.76 -6.00
CA LYS A 344 8.73 6.67 -4.71
C LYS A 344 8.28 7.81 -3.80
N VAL A 345 7.53 7.46 -2.75
CA VAL A 345 7.14 8.40 -1.71
C VAL A 345 7.10 7.62 -0.39
N GLY A 346 7.76 8.14 0.63
CA GLY A 346 7.81 7.44 1.90
C GLY A 346 8.67 6.19 1.88
N GLY A 347 9.63 6.11 0.97
CA GLY A 347 10.53 4.97 0.92
C GLY A 347 9.99 3.76 0.19
N ARG A 348 8.85 3.86 -0.48
CA ARG A 348 8.27 2.72 -1.16
C ARG A 348 7.56 3.20 -2.42
N CYS A 349 7.30 2.25 -3.32
CA CYS A 349 6.48 2.54 -4.49
C CYS A 349 5.04 2.79 -4.02
N HIS A 350 4.53 3.97 -4.30
CA HIS A 350 3.18 4.31 -3.85
C HIS A 350 2.15 3.51 -4.65
N PRO A 351 1.12 3.00 -4.00
CA PRO A 351 0.07 2.27 -4.73
C PRO A 351 -0.97 3.21 -5.32
N HIS A 352 -1.31 2.99 -6.59
CA HIS A 352 -2.43 3.72 -7.17
C HIS A 352 -3.74 3.09 -6.71
N VAL A 353 -4.85 3.70 -7.13
CA VAL A 353 -6.18 3.11 -6.97
C VAL A 353 -6.89 3.30 -8.31
N ASN A 354 -6.92 2.23 -9.12
CA ASN A 354 -7.44 2.28 -10.48
C ASN A 354 -6.67 3.28 -11.33
N GLY A 355 -5.36 3.38 -11.07
CA GLY A 355 -4.46 4.11 -11.93
C GLY A 355 -4.31 5.58 -11.65
N VAL A 356 -4.87 6.08 -10.55
CA VAL A 356 -4.76 7.50 -10.21
C VAL A 356 -4.03 7.62 -8.89
N PHE A 357 -2.94 8.37 -8.87
CA PHE A 357 -2.11 8.54 -7.68
C PHE A 357 -2.51 9.76 -6.86
N PHE A 358 -2.06 10.94 -7.29
CA PHE A 358 -2.45 12.21 -6.68
C PHE A 358 -1.78 13.32 -7.49
N ASN A 359 -2.26 14.55 -7.24
CA ASN A 359 -1.71 15.76 -7.87
C ASN A 359 -1.66 15.63 -9.39
N GLY A 360 -2.70 15.02 -9.96
CA GLY A 360 -2.78 14.82 -11.40
C GLY A 360 -1.94 13.69 -11.93
N ILE A 361 -1.09 13.08 -11.12
CA ILE A 361 -0.28 11.94 -11.56
C ILE A 361 -1.18 10.73 -11.73
N ILE A 362 -1.09 10.07 -12.89
CA ILE A 362 -1.82 8.83 -13.13
C ILE A 362 -0.87 7.82 -13.75
N LEU A 363 -1.39 6.60 -13.94
CA LEU A 363 -0.62 5.49 -14.50
C LEU A 363 -0.92 5.38 -15.99
N GLY A 364 0.14 5.38 -16.81
CA GLY A 364 -0.01 5.27 -18.24
C GLY A 364 -0.46 3.89 -18.65
N PRO A 365 -0.96 3.76 -19.88
CA PRO A 365 -1.33 2.43 -20.39
C PRO A 365 -0.14 1.49 -20.51
N ASP A 366 1.05 2.03 -20.72
CA ASP A 366 2.28 1.25 -20.67
C ASP A 366 2.72 0.94 -19.24
N ASP A 367 1.84 1.19 -18.27
CA ASP A 367 2.16 1.07 -16.85
C ASP A 367 3.31 2.01 -16.48
N HIS A 368 3.36 3.16 -17.14
CA HIS A 368 4.37 4.18 -16.87
C HIS A 368 3.76 5.30 -16.04
N VAL A 369 4.41 5.63 -14.93
CA VAL A 369 4.04 6.84 -14.21
C VAL A 369 4.27 8.02 -15.13
N LEU A 370 3.29 8.92 -15.18
CA LEU A 370 3.44 10.13 -15.96
C LEU A 370 2.96 11.33 -15.14
N ILE A 371 3.82 12.33 -15.05
CA ILE A 371 3.59 13.53 -14.24
C ILE A 371 3.30 14.67 -15.20
N PRO A 372 2.25 15.47 -14.96
CA PRO A 372 1.94 16.57 -15.90
C PRO A 372 3.13 17.49 -16.15
N GLU A 373 3.78 17.96 -15.09
CA GLU A 373 4.98 18.78 -15.24
C GLU A 373 6.06 18.05 -16.02
N MET A 374 6.27 16.76 -15.71
CA MET A 374 7.30 16.00 -16.39
C MET A 374 6.96 15.79 -17.87
N GLN A 375 5.70 15.50 -18.17
CA GLN A 375 5.29 15.30 -19.56
C GLN A 375 5.42 16.59 -20.37
N SER A 376 5.03 17.73 -19.80
CA SER A 376 5.18 18.99 -20.51
C SER A 376 6.66 19.30 -20.76
N SER A 377 7.50 19.11 -19.73
CA SER A 377 8.94 19.25 -19.90
C SER A 377 9.43 18.38 -21.07
N LEU A 378 8.99 17.13 -21.09
CA LEU A 378 9.40 16.21 -22.15
C LEU A 378 8.92 16.67 -23.53
N LEU A 379 7.75 17.29 -23.60
CA LEU A 379 7.28 17.83 -24.88
C LEU A 379 8.18 18.97 -25.34
N GLN A 380 8.59 19.84 -24.41
CA GLN A 380 9.53 20.90 -24.76
C GLN A 380 10.84 20.32 -25.31
N GLN A 381 11.37 19.27 -24.67
CA GLN A 381 12.61 18.69 -25.18
C GLN A 381 12.41 18.03 -26.54
N HIS A 382 11.41 17.15 -26.64
CA HIS A 382 11.12 16.44 -27.88
C HIS A 382 10.99 17.39 -29.05
N MET A 383 10.25 18.48 -28.89
CA MET A 383 10.09 19.40 -30.01
C MET A 383 11.33 20.27 -30.23
N GLU A 384 11.98 20.74 -29.15
CA GLU A 384 13.18 21.54 -29.35
C GLU A 384 14.32 20.76 -29.98
N LEU A 385 14.26 19.42 -29.99
CA LEU A 385 15.19 18.70 -30.84
C LEU A 385 14.61 18.40 -32.20
N LEU A 386 13.28 18.23 -32.32
CA LEU A 386 12.68 18.24 -33.65
C LEU A 386 12.83 19.61 -34.30
N LYS A 387 12.69 20.68 -33.52
CA LYS A 387 12.86 22.05 -34.00
C LYS A 387 14.37 22.35 -33.99
N SER A 388 15.08 21.60 -34.82
CA SER A 388 16.53 21.76 -34.96
C SER A 388 16.90 21.51 -36.41
N SER A 389 17.35 22.55 -37.10
CA SER A 389 17.63 22.48 -38.53
C SER A 389 19.14 22.42 -38.79
N VAL A 390 19.47 21.97 -40.00
CA VAL A 390 20.84 21.94 -40.49
C VAL A 390 20.82 22.35 -41.96
N ILE A 391 21.92 22.92 -42.41
CA ILE A 391 22.02 23.38 -43.81
C ILE A 391 22.82 22.35 -44.60
N PRO A 392 22.16 21.44 -45.33
CA PRO A 392 22.90 20.39 -46.04
C PRO A 392 23.67 20.96 -47.21
N LEU A 393 24.66 20.19 -47.65
CA LEU A 393 25.59 20.64 -48.68
C LEU A 393 24.88 20.82 -50.01
N MET A 394 25.42 21.73 -50.82
CA MET A 394 24.92 22.01 -52.15
C MET A 394 26.09 21.99 -53.12
N HIS A 395 26.09 21.02 -54.03
CA HIS A 395 27.00 20.97 -55.17
C HIS A 395 27.09 22.38 -55.75
N PRO A 396 28.27 23.01 -55.75
CA PRO A 396 28.35 24.42 -56.15
C PRO A 396 27.71 24.71 -57.50
N LEU A 397 27.82 23.78 -58.44
CA LEU A 397 27.35 23.97 -59.80
C LEU A 397 25.95 23.40 -60.01
N ALA A 398 25.35 22.81 -58.98
CA ALA A 398 23.99 22.29 -59.09
C ALA A 398 22.94 23.31 -58.68
N ASP A 399 23.34 24.46 -58.14
CA ASP A 399 22.41 25.54 -57.84
C ASP A 399 22.22 26.38 -59.10
N PRO A 400 21.05 26.36 -59.73
CA PRO A 400 20.87 27.16 -60.96
C PRO A 400 20.99 28.64 -60.72
N SER A 401 20.79 29.11 -59.48
CA SER A 401 20.81 30.54 -59.18
C SER A 401 22.21 31.10 -58.95
N THR A 402 23.24 30.27 -58.89
CA THR A 402 24.59 30.76 -58.65
C THR A 402 25.08 31.54 -59.87
N VAL A 403 25.25 32.83 -59.68
CA VAL A 403 25.74 33.65 -60.76
C VAL A 403 27.25 33.57 -60.79
N PHE A 404 27.74 33.13 -61.92
CA PHE A 404 29.16 33.02 -62.12
C PHE A 404 29.71 34.35 -62.52
N LYS A 405 30.97 34.55 -62.24
CA LYS A 405 31.61 35.81 -62.51
C LYS A 405 31.78 36.27 -63.95
N GLU A 406 31.75 37.60 -64.07
CA GLU A 406 32.06 38.37 -65.26
C GLU A 406 33.59 38.41 -65.36
N GLY A 407 34.13 37.85 -66.43
CA GLY A 407 35.57 37.68 -66.54
C GLY A 407 36.02 36.29 -66.16
N ASP A 408 37.23 36.18 -65.60
CA ASP A 408 37.92 34.91 -65.47
C ASP A 408 38.55 34.69 -64.09
N GLU A 409 38.29 35.55 -63.12
CA GLU A 409 38.81 35.30 -61.79
C GLU A 409 38.18 34.05 -61.18
N ALA A 410 38.86 33.48 -60.19
CA ALA A 410 38.46 32.21 -59.64
C ALA A 410 37.26 32.37 -58.70
N GLU A 411 36.55 31.27 -58.50
CA GLU A 411 35.43 31.22 -57.58
C GLU A 411 35.91 30.79 -56.20
N ASP A 412 34.99 30.83 -55.23
CA ASP A 412 35.35 30.51 -53.85
C ASP A 412 35.36 29.02 -53.57
N PHE A 413 34.50 28.24 -54.25
CA PHE A 413 34.35 26.84 -53.89
C PHE A 413 35.61 26.02 -54.17
N VAL A 414 36.46 26.48 -55.10
CA VAL A 414 37.68 25.74 -55.43
C VAL A 414 38.77 25.98 -54.40
N GLU A 415 38.66 27.03 -53.60
CA GLU A 415 39.65 27.27 -52.54
C GLU A 415 39.68 26.10 -51.56
N VAL A 416 38.51 25.57 -51.22
CA VAL A 416 38.42 24.39 -50.37
C VAL A 416 38.96 23.15 -51.06
N HIS A 417 39.21 23.22 -52.37
CA HIS A 417 39.68 22.10 -53.18
C HIS A 417 38.63 20.99 -53.22
N PHE B 6 -14.43 -24.60 10.72
CA PHE B 6 -13.34 -23.65 10.97
C PHE B 6 -12.43 -24.16 12.10
N PRO B 7 -11.22 -24.56 11.74
CA PRO B 7 -10.34 -25.21 12.72
C PRO B 7 -9.75 -24.22 13.71
N ILE B 8 -9.17 -24.78 14.78
CA ILE B 8 -8.50 -23.97 15.80
C ILE B 8 -7.10 -23.57 15.39
N TYR B 9 -6.55 -24.18 14.34
CA TYR B 9 -5.21 -23.92 13.85
C TYR B 9 -5.03 -24.77 12.59
N THR B 10 -4.00 -24.45 11.82
CA THR B 10 -3.61 -25.23 10.65
C THR B 10 -2.12 -25.54 10.74
N ILE B 11 -1.77 -26.81 10.58
CA ILE B 11 -0.36 -27.18 10.65
C ILE B 11 0.04 -27.82 9.32
N PRO B 12 1.22 -27.51 8.77
CA PRO B 12 1.61 -28.13 7.49
C PRO B 12 1.88 -29.61 7.67
N ASP B 13 1.25 -30.41 6.80
CA ASP B 13 1.52 -31.85 6.80
C ASP B 13 2.91 -32.16 6.31
N GLU B 14 3.43 -31.36 5.38
CA GLU B 14 4.72 -31.60 4.75
C GLU B 14 5.36 -30.25 4.48
N LEU B 15 6.54 -30.01 5.06
CA LEU B 15 7.28 -28.78 4.81
C LEU B 15 8.15 -28.92 3.58
N GLY B 16 8.04 -27.94 2.67
CA GLY B 16 8.97 -27.86 1.57
C GLY B 16 10.28 -27.22 2.00
N PRO B 17 11.16 -27.03 1.02
CA PRO B 17 12.44 -26.36 1.32
C PRO B 17 12.22 -24.90 1.65
N TRP B 18 13.14 -24.36 2.44
CA TRP B 18 13.11 -22.94 2.80
C TRP B 18 13.82 -22.13 1.73
N SER B 19 13.09 -21.25 1.07
CA SER B 19 13.70 -20.32 0.14
C SER B 19 13.58 -18.89 0.65
N PRO B 20 14.63 -18.10 0.60
CA PRO B 20 14.56 -16.73 1.12
C PRO B 20 13.74 -15.84 0.19
N ILE B 21 13.10 -14.84 0.79
CA ILE B 21 12.26 -13.89 0.05
C ILE B 21 12.47 -12.50 0.61
N ASP B 22 12.10 -11.51 -0.20
CA ASP B 22 11.90 -10.15 0.26
C ASP B 22 10.49 -10.00 0.80
N ILE B 23 10.28 -8.96 1.62
CA ILE B 23 8.96 -8.73 2.19
C ILE B 23 7.93 -8.49 1.09
N HIS B 24 8.36 -8.09 -0.10
CA HIS B 24 7.44 -7.85 -1.20
C HIS B 24 6.81 -9.15 -1.71
N HIS B 25 7.42 -10.29 -1.42
CA HIS B 25 6.86 -11.58 -1.83
C HIS B 25 5.70 -12.01 -0.94
N LEU B 26 5.44 -11.28 0.15
CA LEU B 26 4.39 -11.67 1.09
C LEU B 26 3.01 -11.47 0.47
N SER B 27 2.09 -12.37 0.78
CA SER B 27 0.75 -12.36 0.23
C SER B 27 -0.19 -13.05 1.20
N CYS B 28 -1.48 -12.71 1.12
CA CYS B 28 -2.43 -13.20 2.08
C CYS B 28 -2.97 -14.57 1.67
N PRO B 29 -3.42 -15.38 2.64
CA PRO B 29 -3.87 -16.76 2.33
C PRO B 29 -5.02 -16.83 1.35
N ASN B 30 -5.41 -18.06 0.99
CA ASN B 30 -6.40 -18.30 -0.06
C ASN B 30 -7.79 -18.57 0.51
N ASN B 31 -7.91 -19.59 1.37
CA ASN B 31 -9.14 -19.89 2.11
C ASN B 31 -10.29 -20.23 1.17
N LEU B 32 -10.18 -21.40 0.55
CA LEU B 32 -11.23 -21.94 -0.32
C LEU B 32 -11.87 -23.16 0.34
N VAL B 33 -13.20 -23.21 0.29
CA VAL B 33 -13.98 -24.31 0.84
C VAL B 33 -15.03 -24.76 -0.17
N VAL B 34 -14.59 -25.46 -1.21
CA VAL B 34 -15.48 -25.88 -2.29
C VAL B 34 -16.53 -26.85 -1.76
N GLU B 35 -16.06 -27.80 -0.95
CA GLU B 35 -16.87 -28.79 -0.26
C GLU B 35 -17.76 -29.71 -1.07
N ASP B 36 -17.29 -30.16 -2.22
CA ASP B 36 -18.07 -31.09 -3.04
C ASP B 36 -19.48 -30.55 -3.32
N GLU B 37 -20.49 -31.34 -2.94
CA GLU B 37 -21.90 -31.01 -3.13
C GLU B 37 -22.35 -31.49 -4.50
N GLY B 38 -21.45 -32.17 -5.20
CA GLY B 38 -21.76 -32.71 -6.50
C GLY B 38 -21.56 -34.21 -6.61
N CYS B 39 -20.61 -34.75 -5.84
CA CYS B 39 -20.14 -36.12 -5.98
C CYS B 39 -20.34 -36.89 -4.68
N THR B 40 -20.95 -38.08 -4.78
CA THR B 40 -21.05 -39.02 -3.67
C THR B 40 -20.70 -40.42 -4.18
N ASN B 41 -19.55 -40.53 -4.84
CA ASN B 41 -19.01 -41.78 -5.35
C ASN B 41 -17.51 -41.71 -5.16
N LEU B 42 -16.86 -42.86 -4.98
CA LEU B 42 -15.43 -42.87 -4.71
C LEU B 42 -14.77 -44.04 -5.44
N SER B 43 -13.43 -43.99 -5.51
CA SER B 43 -12.61 -45.04 -6.08
C SER B 43 -11.14 -44.73 -5.80
N GLU B 44 -10.37 -45.77 -5.44
CA GLU B 44 -8.95 -45.61 -5.17
C GLU B 44 -8.18 -45.51 -6.49
N PHE B 45 -7.60 -44.34 -6.76
CA PHE B 45 -6.76 -44.15 -7.94
C PHE B 45 -5.48 -43.44 -7.53
N SER B 46 -4.47 -43.50 -8.40
CA SER B 46 -3.17 -42.88 -8.16
C SER B 46 -3.03 -41.67 -9.08
N TYR B 47 -3.01 -40.48 -8.50
CA TYR B 47 -2.78 -39.24 -9.22
C TYR B 47 -1.32 -38.81 -9.08
N MET B 48 -0.97 -37.76 -9.83
CA MET B 48 0.38 -37.23 -9.86
C MET B 48 0.32 -35.73 -9.54
N GLU B 49 1.17 -35.28 -8.62
CA GLU B 49 1.19 -33.86 -8.30
C GLU B 49 2.63 -33.37 -8.20
N LEU B 50 2.79 -32.09 -7.88
CA LEU B 50 4.11 -31.50 -7.75
C LEU B 50 4.66 -31.72 -6.34
N LYS B 51 5.96 -31.97 -6.26
CA LYS B 51 6.62 -32.09 -4.96
C LYS B 51 6.54 -30.76 -4.22
N VAL B 52 6.42 -30.83 -2.90
CA VAL B 52 6.54 -29.62 -2.09
C VAL B 52 7.90 -28.99 -2.34
N GLY B 53 7.89 -27.74 -2.79
CA GLY B 53 9.08 -27.05 -3.27
C GLY B 53 8.95 -26.60 -4.71
N TYR B 54 8.12 -27.27 -5.50
CA TYR B 54 7.90 -26.91 -6.89
C TYR B 54 6.45 -26.55 -7.18
N ILE B 55 5.62 -26.43 -6.13
CA ILE B 55 4.19 -26.20 -6.33
C ILE B 55 3.92 -24.73 -6.60
N SER B 56 4.45 -23.85 -5.76
CA SER B 56 4.19 -22.42 -5.92
C SER B 56 4.92 -21.87 -7.15
N ALA B 57 6.18 -22.28 -7.33
CA ALA B 57 6.97 -21.79 -8.45
C ALA B 57 8.17 -22.71 -8.62
N ILE B 58 8.73 -22.70 -9.83
CA ILE B 58 9.95 -23.43 -10.15
C ILE B 58 11.10 -22.46 -9.94
N LYS B 59 11.74 -22.55 -8.78
CA LYS B 59 12.74 -21.58 -8.37
C LYS B 59 14.07 -21.86 -9.05
N VAL B 60 14.57 -20.87 -9.78
CA VAL B 60 15.90 -20.90 -10.38
C VAL B 60 16.83 -20.12 -9.48
N ASN B 61 17.78 -20.82 -8.86
CA ASN B 61 18.79 -20.15 -8.06
C ASN B 61 19.71 -19.34 -8.97
N GLY B 62 20.33 -18.33 -8.39
CA GLY B 62 21.20 -17.47 -9.16
C GLY B 62 21.97 -16.54 -8.25
N PHE B 63 22.58 -15.53 -8.87
CA PHE B 63 23.42 -14.59 -8.13
C PHE B 63 23.58 -13.31 -8.93
N THR B 64 23.94 -12.25 -8.20
CA THR B 64 24.16 -10.94 -8.81
C THR B 64 25.64 -10.59 -8.79
N CYS B 65 26.15 -10.12 -9.93
CA CYS B 65 27.53 -9.67 -10.06
C CYS B 65 27.51 -8.17 -10.31
N THR B 66 28.12 -7.43 -9.39
CA THR B 66 28.23 -5.97 -9.47
C THR B 66 29.68 -5.58 -9.63
N GLY B 67 29.93 -4.62 -10.51
CA GLY B 67 31.29 -4.27 -10.91
C GLY B 67 31.78 -3.01 -10.21
N VAL B 68 32.95 -3.12 -9.60
CA VAL B 68 33.56 -2.02 -8.85
C VAL B 68 34.98 -1.83 -9.37
N VAL B 69 35.43 -0.57 -9.37
CA VAL B 69 36.79 -0.23 -9.77
C VAL B 69 37.36 0.72 -8.74
N THR B 70 38.59 0.44 -8.29
CA THR B 70 39.22 1.24 -7.24
C THR B 70 40.46 1.96 -7.77
N ARG B 86 35.49 5.14 -4.75
CA ARG B 86 35.42 4.10 -5.79
C ARG B 86 34.43 4.47 -6.89
N LYS B 87 34.47 3.71 -7.98
CA LYS B 87 33.64 3.94 -9.15
C LYS B 87 32.97 2.64 -9.56
N HIS B 88 32.05 2.74 -10.52
CA HIS B 88 31.27 1.60 -10.98
C HIS B 88 31.51 1.35 -12.46
N PHE B 89 31.33 0.10 -12.87
CA PHE B 89 31.42 -0.28 -14.27
C PHE B 89 30.64 -1.57 -14.47
N ARG B 90 30.08 -1.73 -15.67
CA ARG B 90 29.32 -2.92 -16.00
C ARG B 90 30.26 -4.08 -16.31
N PRO B 91 30.27 -5.13 -15.50
CA PRO B 91 31.23 -6.23 -15.72
C PRO B 91 30.84 -7.12 -16.88
N THR B 92 31.65 -8.16 -17.13
CA THR B 92 31.38 -9.14 -18.17
C THR B 92 31.05 -10.49 -17.54
N PRO B 93 30.26 -11.32 -18.21
CA PRO B 93 29.82 -12.59 -17.58
C PRO B 93 30.97 -13.52 -17.19
N ASP B 94 31.91 -13.76 -18.10
CA ASP B 94 32.95 -14.76 -17.88
C ASP B 94 33.70 -14.52 -16.57
N ALA B 95 34.17 -13.28 -16.38
CA ALA B 95 34.88 -12.94 -15.17
C ALA B 95 34.00 -13.11 -13.93
N CYS B 96 32.72 -12.75 -14.06
CA CYS B 96 31.80 -12.86 -12.93
C CYS B 96 31.63 -14.31 -12.49
N ARG B 97 31.41 -15.20 -13.46
CA ARG B 97 31.34 -16.63 -13.16
C ARG B 97 32.62 -17.09 -12.46
N ALA B 98 33.78 -16.75 -13.05
CA ALA B 98 35.05 -17.04 -12.40
C ALA B 98 35.05 -16.59 -10.95
N ALA B 99 34.43 -15.43 -10.68
CA ALA B 99 34.33 -14.97 -9.29
C ALA B 99 33.52 -15.94 -8.45
N TYR B 100 32.29 -16.25 -8.89
CA TYR B 100 31.43 -17.13 -8.11
C TYR B 100 32.16 -18.43 -7.74
N ASN B 101 32.74 -19.11 -8.73
CA ASN B 101 33.36 -20.40 -8.44
C ASN B 101 34.50 -20.26 -7.43
N TRP B 102 35.29 -19.19 -7.53
CA TRP B 102 36.35 -18.92 -6.56
C TRP B 102 35.81 -18.20 -5.31
N LYS B 103 34.50 -18.18 -5.09
CA LYS B 103 33.94 -17.59 -3.89
C LYS B 103 33.07 -18.53 -3.07
N MET B 104 32.70 -19.70 -3.59
CA MET B 104 32.02 -20.68 -2.75
C MET B 104 32.97 -21.35 -1.77
N ALA B 105 34.26 -21.04 -1.83
CA ALA B 105 35.24 -21.54 -0.88
C ALA B 105 36.43 -20.59 -0.91
N GLY B 106 37.29 -20.73 0.10
CA GLY B 106 38.47 -19.88 0.21
C GLY B 106 39.41 -20.00 -0.98
N ASP B 107 39.63 -18.88 -1.67
CA ASP B 107 40.29 -18.89 -2.98
C ASP B 107 40.98 -17.55 -3.19
N PRO B 108 41.98 -17.49 -4.08
CA PRO B 108 42.76 -16.24 -4.23
C PRO B 108 41.93 -15.02 -4.55
N ARG B 109 40.86 -15.15 -5.34
CA ARG B 109 40.07 -14.00 -5.76
C ARG B 109 39.47 -13.28 -4.56
N TYR B 110 40.00 -12.11 -4.23
CA TYR B 110 39.53 -11.33 -3.09
C TYR B 110 40.05 -9.90 -3.14
N GLU B 128 40.34 -3.37 -10.59
CA GLU B 128 38.94 -3.71 -10.89
C GLU B 128 38.50 -4.94 -10.09
N SER B 129 37.63 -4.74 -9.12
CA SER B 129 37.13 -5.80 -8.26
C SER B 129 35.65 -6.05 -8.53
N LEU B 130 35.26 -7.31 -8.40
CA LEU B 130 33.91 -7.76 -8.73
C LEU B 130 33.27 -8.38 -7.50
N ILE B 131 32.08 -7.90 -7.15
CA ILE B 131 31.35 -8.37 -5.97
C ILE B 131 30.17 -9.20 -6.44
N ILE B 132 29.87 -10.28 -5.72
CA ILE B 132 28.70 -11.09 -6.00
C ILE B 132 27.83 -11.14 -4.76
N ILE B 133 26.55 -11.45 -4.97
CA ILE B 133 25.61 -11.67 -3.88
C ILE B 133 24.80 -12.92 -4.20
N SER B 134 24.72 -13.81 -3.22
CA SER B 134 24.03 -15.09 -3.31
C SER B 134 23.22 -15.36 -2.04
N PRO B 135 22.02 -15.93 -2.19
CA PRO B 135 21.43 -16.18 -3.51
C PRO B 135 20.56 -15.03 -3.97
N SER B 136 20.36 -14.94 -5.28
CA SER B 136 19.37 -14.04 -5.87
C SER B 136 18.41 -14.95 -6.63
N VAL B 137 17.39 -15.45 -5.92
CA VAL B 137 16.48 -16.43 -6.49
C VAL B 137 15.56 -15.76 -7.50
N THR B 138 15.24 -16.49 -8.58
CA THR B 138 14.25 -16.05 -9.55
C THR B 138 13.17 -17.12 -9.69
N ASP B 139 12.02 -16.72 -10.21
CA ASP B 139 10.89 -17.62 -10.42
C ASP B 139 10.77 -17.89 -11.90
N LEU B 140 10.96 -19.14 -12.30
CA LEU B 140 10.96 -19.49 -13.72
C LEU B 140 9.52 -19.59 -14.21
N ASP B 141 9.24 -18.94 -15.33
CA ASP B 141 7.93 -19.04 -15.96
C ASP B 141 7.90 -20.27 -16.87
N PRO B 142 6.85 -21.09 -16.79
CA PRO B 142 6.80 -22.32 -17.60
C PRO B 142 6.38 -22.11 -19.04
N TYR B 143 5.90 -20.92 -19.37
CA TYR B 143 5.50 -20.64 -20.72
C TYR B 143 6.67 -20.54 -21.67
N ASP B 144 7.68 -19.76 -21.26
CA ASP B 144 8.82 -19.48 -22.11
C ASP B 144 10.23 -19.39 -21.52
N LYS B 145 10.49 -19.99 -20.38
CA LYS B 145 11.81 -19.90 -19.79
C LYS B 145 12.11 -18.51 -19.25
N SER B 146 11.08 -17.70 -19.03
CA SER B 146 11.26 -16.36 -18.50
C SER B 146 11.64 -16.43 -17.05
N LEU B 147 12.18 -15.35 -16.51
CA LEU B 147 12.55 -15.33 -15.10
C LEU B 147 12.00 -14.06 -14.46
N HIS B 148 11.21 -14.22 -13.42
CA HIS B 148 10.57 -13.11 -12.74
C HIS B 148 11.25 -12.86 -11.41
N SER B 149 11.70 -11.63 -11.21
CA SER B 149 12.37 -11.24 -9.98
C SER B 149 12.41 -9.73 -9.92
N ARG B 150 12.10 -9.18 -8.75
CA ARG B 150 12.15 -7.74 -8.55
C ARG B 150 13.56 -7.17 -8.69
N VAL B 151 14.57 -8.02 -8.88
CA VAL B 151 15.90 -7.54 -9.23
C VAL B 151 16.01 -7.22 -10.71
N PHE B 152 15.16 -7.80 -11.56
CA PHE B 152 15.10 -7.46 -12.97
C PHE B 152 14.14 -6.31 -13.21
N PRO B 153 14.36 -5.51 -14.24
CA PRO B 153 13.41 -4.43 -14.56
C PRO B 153 12.03 -4.98 -14.92
N GLY B 154 11.07 -4.82 -14.01
CA GLY B 154 9.75 -5.40 -14.23
C GLY B 154 9.73 -6.91 -14.24
N GLY B 155 10.71 -7.56 -13.62
CA GLY B 155 10.77 -9.01 -13.69
C GLY B 155 10.95 -9.32 -15.17
N LYS B 156 11.76 -8.48 -15.79
CA LYS B 156 12.06 -8.49 -17.21
C LYS B 156 12.78 -9.60 -17.94
N CYS B 157 13.76 -10.27 -17.33
CA CYS B 157 14.52 -11.26 -18.09
C CYS B 157 13.53 -12.24 -18.67
N SER B 158 13.52 -12.33 -19.99
CA SER B 158 12.65 -13.25 -20.67
C SER B 158 13.21 -14.64 -20.74
N GLY B 159 14.48 -14.77 -21.07
CA GLY B 159 15.06 -16.10 -21.13
C GLY B 159 16.55 -16.00 -21.23
N ILE B 160 17.23 -17.13 -21.11
CA ILE B 160 18.67 -17.09 -21.27
C ILE B 160 19.27 -18.21 -22.12
N THR B 161 19.05 -18.22 -23.44
CA THR B 161 19.70 -19.27 -24.20
C THR B 161 21.21 -19.07 -24.10
N VAL B 162 21.97 -19.90 -24.80
CA VAL B 162 23.41 -19.70 -24.82
C VAL B 162 23.76 -18.69 -25.91
N SER B 163 23.29 -17.45 -25.72
CA SER B 163 23.74 -16.30 -26.50
C SER B 163 23.85 -15.05 -25.65
N SER B 164 23.30 -15.07 -24.43
CA SER B 164 23.36 -13.94 -23.50
C SER B 164 24.18 -14.26 -22.26
N THR B 165 23.88 -15.38 -21.59
CA THR B 165 24.57 -15.84 -20.38
C THR B 165 24.41 -14.87 -19.21
N TYR B 166 23.93 -13.66 -19.47
CA TYR B 166 23.65 -12.73 -18.38
C TYR B 166 22.19 -12.31 -18.43
N CYS B 167 21.83 -11.31 -17.61
CA CYS B 167 20.46 -10.82 -17.54
C CYS B 167 20.47 -9.45 -16.89
N SER B 168 19.81 -8.48 -17.53
CA SER B 168 19.86 -7.11 -17.08
C SER B 168 19.26 -6.97 -15.67
N THR B 169 19.64 -5.89 -15.00
CA THR B 169 19.23 -5.61 -13.63
C THR B 169 18.68 -4.19 -13.55
N ASN B 170 17.99 -3.90 -12.46
CA ASN B 170 17.60 -2.51 -12.18
C ASN B 170 18.82 -1.60 -12.15
N HIS B 171 19.96 -2.13 -11.71
CA HIS B 171 21.22 -1.40 -11.72
C HIS B 171 21.91 -1.55 -13.08
N ASP B 172 22.44 -0.43 -13.58
CA ASP B 172 23.13 -0.44 -14.87
C ASP B 172 24.52 -1.04 -14.80
N TYR B 173 25.04 -1.30 -13.60
CA TYR B 173 26.38 -1.85 -13.43
C TYR B 173 26.38 -3.22 -12.75
N THR B 174 25.23 -3.91 -12.76
CA THR B 174 25.18 -5.28 -12.27
C THR B 174 24.45 -6.15 -13.27
N ILE B 175 24.83 -7.42 -13.29
CA ILE B 175 24.18 -8.44 -14.11
C ILE B 175 23.78 -9.58 -13.20
N TRP B 176 22.75 -10.32 -13.60
CA TRP B 176 22.32 -11.51 -12.88
C TRP B 176 22.60 -12.75 -13.72
N MET B 177 23.06 -13.81 -13.06
CA MET B 177 23.37 -15.04 -13.77
C MET B 177 22.96 -16.25 -12.94
N PRO B 178 22.79 -17.41 -13.58
CA PRO B 178 22.29 -18.58 -12.86
C PRO B 178 23.33 -19.18 -11.93
N GLU B 179 22.83 -19.81 -10.87
CA GLU B 179 23.70 -20.53 -9.94
C GLU B 179 24.48 -21.62 -10.66
N ASN B 180 23.83 -22.35 -11.55
CA ASN B 180 24.52 -23.37 -12.34
C ASN B 180 24.72 -22.86 -13.76
N PRO B 181 25.92 -23.04 -14.33
CA PRO B 181 26.15 -22.60 -15.71
C PRO B 181 25.53 -23.56 -16.72
N ARG B 182 24.99 -23.00 -17.79
CA ARG B 182 24.27 -23.71 -18.82
C ARG B 182 23.23 -24.66 -18.19
N PRO B 183 22.34 -24.15 -17.35
CA PRO B 183 21.35 -25.01 -16.70
C PRO B 183 20.17 -25.23 -17.64
N ARG B 184 19.17 -25.94 -17.14
CA ARG B 184 17.97 -26.19 -17.93
C ARG B 184 16.82 -26.49 -16.99
N THR B 185 15.63 -26.54 -17.57
CA THR B 185 14.41 -26.71 -16.79
C THR B 185 14.43 -28.04 -16.04
N PRO B 186 14.24 -28.05 -14.73
CA PRO B 186 14.17 -29.31 -14.00
C PRO B 186 12.83 -30.00 -14.24
N CYS B 187 12.85 -31.33 -14.32
CA CYS B 187 11.64 -32.09 -14.60
C CYS B 187 11.42 -33.26 -13.65
N ASP B 188 12.30 -33.46 -12.67
CA ASP B 188 12.03 -34.39 -11.57
C ASP B 188 11.38 -33.58 -10.44
N ILE B 189 10.12 -33.20 -10.67
CA ILE B 189 9.40 -32.32 -9.78
C ILE B 189 8.04 -32.88 -9.37
N PHE B 190 7.70 -34.10 -9.79
CA PHE B 190 6.41 -34.70 -9.50
C PHE B 190 6.56 -35.78 -8.45
N THR B 191 5.40 -36.25 -7.98
CA THR B 191 5.33 -37.38 -7.07
C THR B 191 4.01 -38.11 -7.32
N ASN B 192 4.10 -39.44 -7.27
CA ASN B 192 2.93 -40.30 -7.35
C ASN B 192 2.27 -40.37 -5.98
N SER B 193 0.96 -40.11 -5.94
CA SER B 193 0.22 -40.13 -4.69
C SER B 193 -1.10 -40.84 -4.95
N ARG B 194 -1.71 -41.33 -3.88
CA ARG B 194 -2.95 -42.10 -3.98
C ARG B 194 -4.09 -41.31 -3.36
N GLY B 195 -5.20 -41.24 -4.08
CA GLY B 195 -6.40 -40.59 -3.60
C GLY B 195 -7.66 -41.26 -4.13
N LYS B 196 -8.77 -40.52 -4.11
CA LYS B 196 -10.07 -41.06 -4.48
C LYS B 196 -10.66 -40.19 -5.59
N ARG B 197 -11.16 -40.77 -6.67
CA ARG B 197 -11.69 -39.95 -7.77
C ARG B 197 -12.95 -39.08 -7.56
N ALA B 198 -13.99 -39.65 -6.96
CA ALA B 198 -15.24 -38.89 -6.71
C ALA B 198 -16.04 -38.24 -7.86
N SER B 199 -16.22 -38.90 -8.99
CA SER B 199 -17.01 -38.32 -10.09
C SER B 199 -18.51 -38.43 -9.85
N ASN B 200 -19.31 -37.63 -10.56
CA ASN B 200 -20.77 -37.66 -10.44
C ASN B 200 -21.39 -38.46 -11.57
N GLY B 201 -21.35 -37.93 -12.77
CA GLY B 201 -21.62 -38.71 -13.96
C GLY B 201 -20.32 -39.22 -14.52
N ASN B 202 -20.26 -39.31 -15.85
CA ASN B 202 -18.97 -39.50 -16.49
C ASN B 202 -18.02 -38.35 -16.18
N LYS B 203 -18.55 -37.17 -15.82
CA LYS B 203 -17.70 -36.02 -15.57
C LYS B 203 -17.14 -36.08 -14.16
N THR B 204 -15.87 -35.70 -14.03
CA THR B 204 -15.14 -35.74 -12.76
C THR B 204 -15.41 -34.45 -12.00
N CYS B 205 -16.07 -34.55 -10.83
CA CYS B 205 -16.25 -33.37 -9.99
C CYS B 205 -14.95 -32.92 -9.33
N GLY B 206 -13.95 -33.78 -9.24
CA GLY B 206 -12.75 -33.48 -8.48
C GLY B 206 -12.15 -34.77 -7.94
N PHE B 207 -11.49 -34.67 -6.79
CA PHE B 207 -10.85 -35.83 -6.18
C PHE B 207 -10.46 -35.49 -4.75
N VAL B 208 -9.98 -36.51 -4.04
CA VAL B 208 -9.51 -36.38 -2.66
C VAL B 208 -8.03 -36.70 -2.65
N ASP B 209 -7.22 -35.75 -2.19
CA ASP B 209 -5.77 -35.86 -2.26
C ASP B 209 -5.27 -36.87 -1.23
N GLU B 210 -3.94 -37.09 -1.26
CA GLU B 210 -3.30 -38.00 -0.32
C GLU B 210 -3.50 -37.56 1.12
N ARG B 211 -3.80 -36.27 1.35
CA ARG B 211 -4.07 -35.75 2.68
C ARG B 211 -5.52 -35.93 3.10
N GLY B 212 -6.40 -36.31 2.17
CA GLY B 212 -7.81 -36.51 2.49
C GLY B 212 -8.72 -35.33 2.21
N LEU B 213 -8.18 -34.23 1.70
CA LEU B 213 -8.98 -33.03 1.43
C LEU B 213 -9.48 -33.05 -0.01
N TYR B 214 -10.78 -32.87 -0.18
CA TYR B 214 -11.34 -32.76 -1.52
C TYR B 214 -10.85 -31.49 -2.19
N LYS B 215 -10.69 -31.56 -3.50
CA LYS B 215 -10.33 -30.39 -4.30
C LYS B 215 -11.20 -30.36 -5.55
N SER B 216 -11.61 -29.16 -5.95
CA SER B 216 -12.57 -28.98 -7.02
C SER B 216 -11.89 -28.58 -8.32
N LEU B 217 -12.36 -29.17 -9.42
CA LEU B 217 -11.83 -28.82 -10.74
C LEU B 217 -12.53 -27.61 -11.33
N LYS B 218 -13.67 -27.20 -10.77
CA LYS B 218 -14.38 -26.03 -11.28
C LYS B 218 -13.51 -24.79 -11.12
N GLY B 219 -13.42 -23.99 -12.19
CA GLY B 219 -12.60 -22.80 -12.17
C GLY B 219 -11.12 -23.03 -12.37
N ALA B 220 -10.72 -24.27 -12.65
CA ALA B 220 -9.32 -24.54 -12.97
C ALA B 220 -9.04 -24.22 -14.43
N CYS B 221 -7.77 -24.14 -14.77
CA CYS B 221 -7.35 -23.94 -16.15
C CYS B 221 -6.37 -25.04 -16.54
N ARG B 222 -6.05 -25.10 -17.82
CA ARG B 222 -5.17 -26.14 -18.33
C ARG B 222 -3.72 -25.64 -18.38
N LEU B 223 -2.81 -26.52 -17.96
CA LEU B 223 -1.40 -26.19 -17.87
C LEU B 223 -0.56 -27.40 -18.25
N LYS B 224 0.48 -27.18 -19.06
CA LYS B 224 1.37 -28.24 -19.50
C LYS B 224 2.74 -28.02 -18.89
N LEU B 225 3.18 -28.94 -18.04
CA LEU B 225 4.43 -28.84 -17.31
C LEU B 225 5.32 -30.02 -17.68
N CYS B 226 6.56 -29.72 -18.11
CA CYS B 226 7.50 -30.73 -18.60
C CYS B 226 6.84 -31.66 -19.63
N GLY B 227 5.97 -31.09 -20.45
CA GLY B 227 5.24 -31.80 -21.47
C GLY B 227 3.95 -32.45 -20.99
N VAL B 228 3.87 -32.82 -19.71
CA VAL B 228 2.67 -33.45 -19.19
C VAL B 228 1.52 -32.45 -19.15
N LEU B 229 0.38 -32.85 -19.69
CA LEU B 229 -0.80 -32.00 -19.68
C LEU B 229 -1.60 -32.23 -18.40
N GLY B 230 -2.01 -31.14 -17.77
CA GLY B 230 -2.76 -31.20 -16.53
C GLY B 230 -3.54 -29.92 -16.33
N LEU B 231 -3.90 -29.68 -15.07
CA LEU B 231 -4.73 -28.54 -14.72
C LEU B 231 -4.17 -27.82 -13.50
N ARG B 232 -4.14 -26.49 -13.57
CA ARG B 232 -3.88 -25.65 -12.42
C ARG B 232 -5.22 -25.31 -11.77
N LEU B 233 -5.44 -25.82 -10.57
CA LEU B 233 -6.63 -25.54 -9.79
C LEU B 233 -6.57 -24.10 -9.27
N MET B 234 -7.71 -23.63 -8.74
CA MET B 234 -7.77 -22.25 -8.26
C MET B 234 -7.13 -22.07 -6.90
N ASP B 235 -6.69 -23.14 -6.24
CA ASP B 235 -5.90 -23.00 -5.02
C ASP B 235 -4.42 -22.77 -5.30
N GLY B 236 -3.97 -23.08 -6.51
CA GLY B 236 -2.57 -22.99 -6.88
C GLY B 236 -1.91 -24.32 -7.17
N THR B 237 -2.57 -25.45 -6.88
CA THR B 237 -1.96 -26.75 -7.10
C THR B 237 -2.14 -27.20 -8.54
N TRP B 238 -1.28 -28.14 -8.96
CA TRP B 238 -1.32 -28.71 -10.29
C TRP B 238 -1.46 -30.22 -10.19
N VAL B 239 -2.23 -30.81 -11.10
CA VAL B 239 -2.47 -32.25 -11.12
C VAL B 239 -2.56 -32.68 -12.58
N ALA B 240 -2.07 -33.89 -12.86
CA ALA B 240 -2.10 -34.43 -14.21
C ALA B 240 -3.45 -35.12 -14.43
N MET B 241 -4.31 -34.50 -15.23
CA MET B 241 -5.60 -35.07 -15.57
C MET B 241 -6.07 -34.52 -16.90
N GLN B 242 -7.02 -35.22 -17.51
CA GLN B 242 -7.69 -34.77 -18.72
C GLN B 242 -9.17 -34.60 -18.43
N THR B 243 -9.69 -33.42 -18.74
CA THR B 243 -11.10 -33.10 -18.53
C THR B 243 -11.85 -33.14 -19.85
N SER B 244 -12.99 -33.84 -19.86
CA SER B 244 -13.87 -33.78 -21.01
C SER B 244 -14.60 -32.44 -21.10
N ASP B 245 -14.48 -31.59 -20.10
CA ASP B 245 -14.98 -30.22 -20.15
C ASP B 245 -13.93 -29.34 -20.80
N GLU B 246 -14.28 -28.71 -21.93
CA GLU B 246 -13.37 -27.75 -22.55
C GLU B 246 -13.15 -26.56 -21.63
N THR B 247 -11.97 -26.51 -21.02
CA THR B 247 -11.62 -25.45 -20.10
C THR B 247 -10.74 -24.42 -20.81
N LYS B 248 -10.53 -23.29 -20.13
CA LYS B 248 -9.62 -22.27 -20.62
C LYS B 248 -8.18 -22.77 -20.51
N TRP B 249 -7.25 -21.91 -20.90
CA TRP B 249 -5.83 -22.14 -20.69
C TRP B 249 -5.31 -21.10 -19.72
N CYS B 250 -4.45 -21.52 -18.80
CA CYS B 250 -3.99 -20.67 -17.72
C CYS B 250 -3.31 -19.43 -18.27
N PRO B 251 -3.77 -18.23 -17.94
CA PRO B 251 -3.10 -17.01 -18.40
C PRO B 251 -1.71 -16.90 -17.78
N PRO B 252 -0.80 -16.15 -18.41
CA PRO B 252 0.56 -16.02 -17.85
C PRO B 252 0.63 -15.18 -16.58
N ASP B 253 -0.47 -14.55 -16.16
CA ASP B 253 -0.47 -13.74 -14.95
C ASP B 253 -1.74 -13.96 -14.14
N VAL B 275 -17.37 -14.47 6.54
CA VAL B 275 -16.60 -14.28 7.76
C VAL B 275 -15.15 -14.02 7.37
N LYS B 276 -14.94 -13.11 6.43
CA LYS B 276 -13.61 -12.90 5.89
C LYS B 276 -12.69 -12.22 6.89
N LYS B 277 -11.45 -12.69 6.96
CA LYS B 277 -10.38 -12.02 7.69
C LYS B 277 -9.38 -11.34 6.76
N ARG B 278 -9.69 -11.28 5.46
CA ARG B 278 -8.75 -10.69 4.51
C ARG B 278 -8.59 -9.19 4.74
N GLU B 279 -9.62 -8.52 5.25
CA GLU B 279 -9.46 -7.12 5.63
C GLU B 279 -8.43 -6.97 6.74
N GLU B 280 -8.50 -7.84 7.76
CA GLU B 280 -7.50 -7.88 8.80
C GLU B 280 -6.13 -8.25 8.24
N CYS B 281 -6.09 -9.22 7.32
CA CYS B 281 -4.82 -9.61 6.70
C CYS B 281 -4.16 -8.45 5.98
N LEU B 282 -4.88 -7.84 5.03
CA LEU B 282 -4.31 -6.73 4.27
C LEU B 282 -3.97 -5.54 5.15
N ASP B 283 -4.71 -5.31 6.23
CA ASP B 283 -4.31 -4.28 7.18
C ASP B 283 -2.95 -4.62 7.77
N ALA B 284 -2.81 -5.81 8.33
CA ALA B 284 -1.55 -6.23 8.94
C ALA B 284 -0.40 -6.17 7.93
N LEU B 285 -0.68 -6.47 6.67
CA LEU B 285 0.35 -6.61 5.64
C LEU B 285 0.79 -5.25 5.10
N GLU B 286 -0.17 -4.45 4.64
CA GLU B 286 0.12 -3.07 4.23
C GLU B 286 0.83 -2.32 5.34
N SER B 287 0.53 -2.66 6.60
CA SER B 287 1.32 -2.11 7.70
C SER B 287 2.79 -2.48 7.54
N ILE B 288 3.08 -3.74 7.23
CA ILE B 288 4.46 -4.18 7.05
C ILE B 288 5.13 -3.40 5.92
N MET B 289 4.48 -3.32 4.77
CA MET B 289 5.09 -2.59 3.66
C MET B 289 5.25 -1.10 3.97
N THR B 290 4.40 -0.56 4.83
CA THR B 290 4.49 0.84 5.20
C THR B 290 5.60 1.10 6.22
N THR B 291 5.96 0.07 7.00
CA THR B 291 7.02 0.23 7.99
C THR B 291 8.28 -0.55 7.66
N LYS B 292 8.27 -1.40 6.64
CA LYS B 292 9.42 -2.22 6.25
C LYS B 292 9.91 -3.10 7.41
N SER B 293 9.00 -3.46 8.33
CA SER B 293 9.36 -4.31 9.45
C SER B 293 8.22 -5.29 9.73
N VAL B 294 8.60 -6.48 10.20
CA VAL B 294 7.65 -7.57 10.41
C VAL B 294 7.62 -7.95 11.88
N SER B 295 6.44 -8.33 12.35
CA SER B 295 6.23 -8.78 13.72
C SER B 295 5.58 -10.15 13.71
N PHE B 296 5.83 -10.92 14.78
CA PHE B 296 5.38 -12.31 14.80
C PHE B 296 3.87 -12.44 15.00
N ARG B 297 3.16 -11.35 15.25
CA ARG B 297 1.70 -11.37 15.23
C ARG B 297 1.15 -11.08 13.83
N ARG B 298 1.68 -10.03 13.19
CA ARG B 298 1.36 -9.78 11.79
C ARG B 298 1.80 -10.95 10.91
N LEU B 299 2.87 -11.64 11.31
CA LEU B 299 3.29 -12.85 10.62
C LEU B 299 2.29 -13.99 10.79
N SER B 300 1.43 -13.90 11.79
CA SER B 300 0.47 -14.97 12.08
C SER B 300 -0.79 -14.89 11.25
N HIS B 301 -1.05 -13.75 10.61
CA HIS B 301 -2.20 -13.66 9.71
C HIS B 301 -1.92 -14.27 8.36
N LEU B 302 -0.63 -14.46 8.01
CA LEU B 302 -0.28 -15.03 6.72
C LEU B 302 -0.48 -16.54 6.69
N ARG B 303 -0.60 -17.19 7.84
CA ARG B 303 -0.89 -18.61 7.88
C ARG B 303 -2.30 -18.87 7.38
N LYS B 304 -2.41 -19.75 6.38
CA LYS B 304 -3.72 -20.15 5.87
C LYS B 304 -4.56 -20.71 7.01
N LEU B 305 -5.84 -20.34 7.04
CA LEU B 305 -6.72 -20.68 8.15
C LEU B 305 -7.52 -21.95 7.92
N VAL B 306 -7.42 -22.56 6.73
CA VAL B 306 -8.17 -23.77 6.42
C VAL B 306 -7.28 -24.71 5.62
N PRO B 307 -7.60 -26.01 5.62
CA PRO B 307 -6.74 -26.99 4.93
C PRO B 307 -6.56 -26.65 3.45
N GLY B 308 -5.43 -27.08 2.92
CA GLY B 308 -5.10 -26.85 1.53
C GLY B 308 -3.70 -26.28 1.38
N PHE B 309 -3.30 -26.07 0.13
CA PHE B 309 -1.97 -25.58 -0.16
C PHE B 309 -1.82 -24.12 0.24
N GLY B 310 -0.69 -23.80 0.85
CA GLY B 310 -0.37 -22.44 1.25
C GLY B 310 1.11 -22.32 1.57
N LYS B 311 1.50 -21.10 1.90
CA LYS B 311 2.87 -20.78 2.26
C LYS B 311 3.04 -20.81 3.78
N ALA B 312 4.23 -21.19 4.21
CA ALA B 312 4.66 -21.08 5.60
C ALA B 312 5.88 -20.18 5.65
N TYR B 313 5.85 -19.19 6.53
CA TYR B 313 6.90 -18.18 6.59
C TYR B 313 7.71 -18.34 7.87
N THR B 314 8.95 -17.86 7.82
CA THR B 314 9.83 -17.87 9.00
C THR B 314 10.94 -16.87 8.75
N ILE B 315 11.83 -16.74 9.74
CA ILE B 315 12.86 -15.69 9.75
C ILE B 315 14.17 -16.30 10.24
N PHE B 316 15.17 -16.39 9.35
CA PHE B 316 16.51 -16.85 9.72
C PHE B 316 17.54 -15.78 9.38
N ASN B 317 18.36 -15.42 10.35
CA ASN B 317 19.37 -14.42 10.13
C ASN B 317 18.70 -13.16 9.64
N LYS B 318 17.57 -12.84 10.25
CA LYS B 318 16.82 -11.66 9.89
C LYS B 318 16.57 -11.67 8.42
N THR B 319 16.32 -12.85 7.88
CA THR B 319 16.07 -12.95 6.48
C THR B 319 14.77 -13.64 6.37
N LEU B 320 13.83 -13.00 5.73
CA LEU B 320 12.50 -13.59 5.62
C LEU B 320 12.52 -14.75 4.63
N MET B 321 11.78 -15.82 4.96
CA MET B 321 11.81 -17.04 4.17
C MET B 321 10.41 -17.65 4.10
N GLU B 322 10.17 -18.39 3.01
CA GLU B 322 8.90 -19.06 2.77
C GLU B 322 9.16 -20.49 2.32
N ALA B 323 8.15 -21.34 2.51
CA ALA B 323 8.21 -22.73 2.12
C ALA B 323 6.80 -23.21 1.77
N ASP B 324 6.71 -24.03 0.73
CA ASP B 324 5.44 -24.61 0.35
C ASP B 324 4.93 -25.53 1.45
N ALA B 325 3.60 -25.65 1.57
CA ALA B 325 3.05 -26.49 2.62
C ALA B 325 1.62 -26.88 2.29
N HIS B 326 1.27 -28.13 2.61
CA HIS B 326 -0.12 -28.59 2.63
C HIS B 326 -0.61 -28.49 4.06
N TYR B 327 -1.49 -27.52 4.33
CA TYR B 327 -2.01 -27.33 5.67
C TYR B 327 -3.17 -28.28 5.95
N LYS B 328 -3.15 -28.85 7.16
CA LYS B 328 -4.20 -29.71 7.66
C LYS B 328 -4.81 -29.11 8.92
N SER B 329 -6.07 -29.48 9.16
CA SER B 329 -6.82 -29.02 10.32
C SER B 329 -6.23 -29.59 11.60
N VAL B 330 -6.50 -28.89 12.71
CA VAL B 330 -6.05 -29.30 14.03
C VAL B 330 -7.25 -29.31 14.96
N ARG B 331 -7.46 -30.42 15.66
CA ARG B 331 -8.55 -30.52 16.61
C ARG B 331 -8.12 -30.08 18.01
N THR B 332 -6.97 -30.57 18.47
CA THR B 332 -6.44 -30.22 19.78
C THR B 332 -4.99 -29.77 19.64
N TRP B 333 -4.57 -28.83 20.50
CA TRP B 333 -3.17 -28.46 20.54
C TRP B 333 -2.30 -29.65 20.94
N ASN B 334 -2.87 -30.59 21.67
CA ASN B 334 -2.10 -31.73 22.18
C ASN B 334 -1.52 -32.57 21.05
N GLU B 335 -2.29 -32.80 19.99
CA GLU B 335 -1.79 -33.58 18.86
C GLU B 335 -0.65 -32.88 18.14
N ILE B 336 -0.45 -31.59 18.41
CA ILE B 336 0.66 -30.86 17.82
C ILE B 336 1.87 -30.85 18.74
N ILE B 337 1.65 -30.67 20.04
CA ILE B 337 2.74 -30.60 21.01
C ILE B 337 2.57 -31.71 22.06
N PRO B 338 3.00 -32.94 21.77
CA PRO B 338 2.93 -33.99 22.80
C PRO B 338 3.97 -33.80 23.90
N SER B 339 5.24 -33.62 23.51
CA SER B 339 6.33 -33.47 24.45
C SER B 339 6.50 -31.99 24.80
N LYS B 340 7.65 -31.65 25.40
CA LYS B 340 7.89 -30.29 25.83
C LYS B 340 8.34 -29.40 24.67
N GLY B 341 9.50 -29.72 24.10
CA GLY B 341 10.02 -28.94 22.98
C GLY B 341 9.75 -29.59 21.64
N CYS B 342 8.57 -30.18 21.50
CA CYS B 342 8.20 -30.94 20.31
C CYS B 342 7.07 -30.22 19.58
N LEU B 343 7.32 -29.84 18.34
CA LEU B 343 6.30 -29.32 17.44
C LEU B 343 6.15 -30.36 16.32
N LYS B 344 5.05 -31.11 16.35
CA LYS B 344 4.94 -32.30 15.50
C LYS B 344 4.50 -31.89 14.10
N VAL B 345 5.43 -31.96 13.15
CA VAL B 345 5.16 -31.72 11.74
C VAL B 345 5.45 -33.01 10.99
N GLY B 346 4.41 -33.64 10.47
CA GLY B 346 4.58 -34.88 9.73
C GLY B 346 5.14 -36.01 10.54
N GLY B 347 4.74 -36.11 11.81
CA GLY B 347 5.15 -37.23 12.63
C GLY B 347 6.57 -37.16 13.17
N ARG B 348 7.03 -35.97 13.55
CA ARG B 348 8.35 -35.79 14.12
C ARG B 348 8.41 -34.44 14.81
N CYS B 349 9.26 -34.35 15.82
CA CYS B 349 9.48 -33.09 16.52
C CYS B 349 10.28 -32.19 15.58
N HIS B 350 9.61 -31.21 14.99
CA HIS B 350 10.23 -30.38 13.97
C HIS B 350 11.42 -29.62 14.56
N PRO B 351 12.55 -29.58 13.88
CA PRO B 351 13.71 -28.86 14.40
C PRO B 351 13.59 -27.36 14.17
N HIS B 352 14.41 -26.61 14.90
CA HIS B 352 14.36 -25.16 14.87
C HIS B 352 15.77 -24.62 14.61
N VAL B 353 15.87 -23.29 14.58
CA VAL B 353 17.14 -22.59 14.63
C VAL B 353 17.01 -21.51 15.70
N ASN B 354 17.83 -21.63 16.76
CA ASN B 354 17.96 -20.59 17.78
C ASN B 354 16.60 -20.11 18.31
N GLY B 355 15.63 -21.03 18.34
CA GLY B 355 14.36 -20.79 19.01
C GLY B 355 13.19 -20.39 18.14
N VAL B 356 13.32 -20.44 16.82
CA VAL B 356 12.21 -20.06 15.92
C VAL B 356 11.82 -21.26 15.09
N PHE B 357 10.53 -21.58 15.09
CA PHE B 357 9.90 -22.31 14.00
C PHE B 357 9.17 -21.33 13.09
N PHE B 358 8.58 -21.88 12.04
CA PHE B 358 7.76 -21.14 11.10
C PHE B 358 6.50 -20.60 11.75
N ASN B 359 5.91 -19.60 11.10
CA ASN B 359 4.57 -19.10 11.43
C ASN B 359 4.49 -18.60 12.87
N GLY B 360 5.52 -17.88 13.31
CA GLY B 360 5.55 -17.32 14.64
C GLY B 360 5.65 -18.32 15.77
N ILE B 361 5.56 -19.62 15.48
CA ILE B 361 5.76 -20.65 16.50
C ILE B 361 7.22 -20.61 16.92
N ILE B 362 7.48 -20.31 18.20
CA ILE B 362 8.84 -20.13 18.70
C ILE B 362 8.99 -20.85 20.02
N LEU B 363 10.24 -21.13 20.38
CA LEU B 363 10.56 -21.75 21.65
C LEU B 363 10.52 -20.69 22.75
N GLY B 364 9.64 -20.86 23.72
CA GLY B 364 9.43 -19.87 24.75
C GLY B 364 10.62 -19.69 25.67
N PRO B 365 10.45 -18.90 26.73
CA PRO B 365 11.54 -18.65 27.67
C PRO B 365 11.89 -19.83 28.57
N ASP B 366 11.33 -21.01 28.31
CA ASP B 366 11.53 -22.18 29.16
C ASP B 366 11.70 -23.44 28.33
N ASP B 367 12.21 -23.30 27.10
CA ASP B 367 12.30 -24.40 26.15
C ASP B 367 10.92 -25.02 25.93
N HIS B 368 9.90 -24.17 25.91
CA HIS B 368 8.51 -24.58 25.80
C HIS B 368 7.96 -24.10 24.47
N VAL B 369 7.37 -25.02 23.70
CA VAL B 369 6.79 -24.68 22.40
C VAL B 369 5.69 -23.65 22.60
N LEU B 370 5.95 -22.42 22.19
CA LEU B 370 5.01 -21.31 22.37
C LEU B 370 4.39 -20.99 21.01
N ILE B 371 3.16 -21.44 20.82
CA ILE B 371 2.38 -21.16 19.61
C ILE B 371 1.54 -19.92 19.85
N PRO B 372 1.60 -18.91 18.97
CA PRO B 372 0.90 -17.65 19.22
C PRO B 372 -0.61 -17.79 19.47
N GLU B 373 -1.34 -18.36 18.50
CA GLU B 373 -2.78 -18.49 18.64
C GLU B 373 -3.16 -19.35 19.83
N MET B 374 -2.32 -20.32 20.18
CA MET B 374 -2.57 -21.16 21.35
C MET B 374 -2.62 -20.33 22.63
N GLN B 375 -1.59 -19.52 22.85
CA GLN B 375 -1.54 -18.68 24.03
C GLN B 375 -2.63 -17.61 24.00
N SER B 376 -2.79 -16.93 22.86
CA SER B 376 -3.81 -15.88 22.79
C SER B 376 -5.19 -16.43 23.12
N SER B 377 -5.54 -17.58 22.53
CA SER B 377 -6.81 -18.23 22.85
C SER B 377 -6.88 -18.63 24.32
N LEU B 378 -5.76 -19.10 24.86
CA LEU B 378 -5.70 -19.48 26.27
C LEU B 378 -6.01 -18.31 27.20
N LEU B 379 -5.12 -17.31 27.21
CA LEU B 379 -5.33 -16.14 28.06
C LEU B 379 -6.69 -15.51 27.83
N GLN B 380 -7.17 -15.50 26.58
CA GLN B 380 -8.52 -15.03 26.31
C GLN B 380 -9.54 -15.84 27.11
N GLN B 381 -9.40 -17.17 27.11
CA GLN B 381 -10.36 -18.01 27.83
C GLN B 381 -10.25 -17.81 29.34
N HIS B 382 -9.03 -17.67 29.86
CA HIS B 382 -8.84 -17.44 31.29
C HIS B 382 -9.54 -16.15 31.74
N MET B 383 -9.12 -15.03 31.15
CA MET B 383 -9.74 -13.75 31.50
C MET B 383 -11.26 -13.79 31.30
N GLU B 384 -11.72 -14.49 30.26
CA GLU B 384 -13.15 -14.57 30.00
C GLU B 384 -13.86 -15.33 31.10
N LEU B 385 -13.26 -16.42 31.59
CA LEU B 385 -13.76 -17.07 32.80
C LEU B 385 -13.83 -16.08 33.96
N LEU B 386 -12.88 -15.16 34.04
CA LEU B 386 -12.91 -14.21 35.15
C LEU B 386 -13.91 -13.07 34.96
N LYS B 387 -14.48 -12.88 33.77
CA LYS B 387 -15.47 -11.83 33.58
C LYS B 387 -16.92 -12.34 33.63
N SER B 388 -17.19 -13.43 34.35
CA SER B 388 -18.55 -13.95 34.48
C SER B 388 -19.23 -13.33 35.70
N SER B 389 -20.46 -12.85 35.50
CA SER B 389 -21.19 -12.13 36.53
C SER B 389 -22.13 -13.06 37.28
N VAL B 390 -22.46 -12.68 38.53
CA VAL B 390 -23.33 -13.46 39.40
C VAL B 390 -24.22 -12.49 40.17
N ILE B 391 -25.20 -13.04 40.89
CA ILE B 391 -26.12 -12.26 41.72
C ILE B 391 -26.12 -12.75 43.16
N PRO B 392 -25.64 -11.95 44.12
CA PRO B 392 -25.87 -12.28 45.54
C PRO B 392 -27.36 -12.25 45.89
N LEU B 393 -27.68 -12.72 47.12
CA LEU B 393 -29.03 -13.23 47.40
C LEU B 393 -29.69 -12.60 48.63
N MET B 394 -29.53 -11.31 48.86
CA MET B 394 -30.14 -10.68 50.03
C MET B 394 -31.67 -10.71 50.01
N HIS B 395 -32.31 -10.81 51.18
CA HIS B 395 -33.78 -10.86 51.23
C HIS B 395 -34.53 -9.61 51.71
N PRO B 396 -34.15 -9.08 52.93
CA PRO B 396 -34.89 -7.89 53.35
C PRO B 396 -33.95 -6.73 53.66
N LEU B 397 -32.75 -6.73 53.11
CA LEU B 397 -31.76 -5.70 53.39
C LEU B 397 -31.95 -4.23 53.08
N ALA B 398 -32.54 -3.95 51.92
CA ALA B 398 -32.77 -2.59 51.42
C ALA B 398 -33.72 -1.69 52.20
N ASP B 399 -34.66 -2.27 52.94
CA ASP B 399 -35.66 -1.51 53.72
C ASP B 399 -36.88 -1.08 52.88
N PRO B 400 -37.11 -1.81 51.73
CA PRO B 400 -38.26 -1.37 50.91
C PRO B 400 -39.74 -1.44 51.38
N SER B 401 -40.22 -2.53 51.96
CA SER B 401 -41.63 -2.52 52.33
C SER B 401 -42.31 -3.84 52.78
N THR B 402 -43.60 -3.96 52.48
CA THR B 402 -44.46 -5.08 52.87
C THR B 402 -44.69 -6.25 51.89
N VAL B 403 -43.92 -6.37 50.82
CA VAL B 403 -44.15 -7.43 49.81
C VAL B 403 -44.05 -8.88 50.28
N PHE B 404 -44.84 -9.72 49.62
CA PHE B 404 -44.91 -11.15 49.88
C PHE B 404 -43.62 -11.96 49.60
N LYS B 405 -42.87 -11.62 48.56
CA LYS B 405 -41.60 -12.30 48.27
C LYS B 405 -41.59 -13.81 48.03
N GLU B 406 -42.60 -14.33 47.37
CA GLU B 406 -42.65 -15.78 47.08
C GLU B 406 -42.52 -16.62 48.36
#